data_8TV3
#
_entry.id   8TV3
#
_cell.length_a   63.819
_cell.length_b   90.963
_cell.length_c   211.962
_cell.angle_alpha   90.00
_cell.angle_beta   90.00
_cell.angle_gamma   90.00
#
_symmetry.space_group_name_H-M   'P 21 2 21'
#
loop_
_entity.id
_entity.type
_entity.pdbx_description
1 polymer 'Light chain of human monoclonal Fab 22105'
2 polymer 'Heavy chain of human monoclonal Fab 221-5'
3 polymer 'Outer surface protein A'
4 non-polymer 'NONAETHYLENE GLYCOL'
5 non-polymer 1,2-ETHANEDIOL
6 non-polymer 'CHLORIDE ION'
7 water water
#
loop_
_entity_poly.entity_id
_entity_poly.type
_entity_poly.pdbx_seq_one_letter_code
_entity_poly.pdbx_strand_id
1 'polypeptide(L)'
;EIVLTQSPATLSLSPGERATLSCRASQSVSSYLAWYQQKPGQAPRLLIYDASTRDTGIPARFSGSGSGTDFTLTISSLEP
EDFAVYYCQHHSNWYTFGQGTKLEIKRTVAAPSVFIFPPSDEQLKSGTASVVCLLNNFYPREAKVQWKVDNALQSGNSQE
SVTEQDSKDSTYSLSSTLTLSKADYEKHKVYACEVTHQGLSSPVTKSFNRGEC
;
L
2 'polypeptide(L)'
;EVQLVQSGAEVKKPGESLKISCKGSGYSFTSYWIGWVRQMPGKGLEWMGIIYPGDSDTRYSPSFQGQVTISADKSISTAY
LQWSSLKASDTAMYYCARHLGIDYFFGMDVWGQGTTVTVSSASTKGPSVFPLAPSSKSTSGGTAALGCLVKDYFPEPVTV
SWNSGALTSGVHTFPAVLQSSGLYSLSSVVTVPSSSLGTQTYICNVNHKPSNTKVDKRVEPKSCDKTH
;
H
3 'polypeptide(L)'
;KQNVSSLDEKNSVSVDLPGEMKVLVSKEKNKDGKYDLIATVDKLELKGTSDKNNGSGVLEGVKADKSKVKLTISDDLGQT
TLEVFKEDGKTLVSKKVTSKDKSSTEEKFNEKGEVSEKIITRADGTRLEYTGIKSDGSGKAKEVLKGYVLEGTLTAEKTT
LVVKEGTVTLSKNISKSGEVSVELNDTDSSAATKKTAAWNSGTSTLTITVNSKKTKDLVFTKENTITVQQYDSNGTKLEG
SAVEITKLDEIKNALK
;
A
#
loop_
_chem_comp.id
_chem_comp.type
_chem_comp.name
_chem_comp.formula
2PE non-polymer 'NONAETHYLENE GLYCOL' 'C18 H38 O10'
CL non-polymer 'CHLORIDE ION' 'Cl -1'
EDO non-polymer 1,2-ETHANEDIOL 'C2 H6 O2'
#
# COMPACT_ATOMS: atom_id res chain seq x y z
N GLU A 1 4.47 -17.89 -6.86
CA GLU A 1 3.65 -17.20 -5.87
C GLU A 1 2.46 -16.49 -6.52
N ILE A 2 1.44 -16.16 -5.71
CA ILE A 2 0.32 -15.37 -6.20
C ILE A 2 0.77 -13.92 -6.36
N VAL A 3 0.50 -13.35 -7.53
CA VAL A 3 0.96 -12.01 -7.88
C VAL A 3 -0.25 -11.11 -8.08
N LEU A 4 -0.19 -9.91 -7.51
CA LEU A 4 -1.22 -8.89 -7.72
C LEU A 4 -0.78 -7.92 -8.82
N THR A 5 -1.73 -7.52 -9.66
CA THR A 5 -1.48 -6.60 -10.76
C THR A 5 -2.55 -5.51 -10.71
N GLN A 6 -2.14 -4.27 -10.54
CA GLN A 6 -3.06 -3.13 -10.50
C GLN A 6 -3.11 -2.44 -11.85
N SER A 7 -4.32 -2.12 -12.30
CA SER A 7 -4.55 -1.43 -13.56
C SER A 7 -5.49 -0.26 -13.34
N PRO A 8 -5.29 0.85 -14.07
CA PRO A 8 -4.09 1.05 -14.86
C PRO A 8 -2.96 1.59 -13.98
N ALA A 9 -1.75 1.70 -14.51
CA ALA A 9 -0.65 2.26 -13.74
C ALA A 9 -0.94 3.71 -13.37
N THR A 10 -1.48 4.47 -14.32
CA THR A 10 -1.89 5.85 -14.13
C THR A 10 -3.32 5.99 -14.61
N LEU A 11 -4.18 6.53 -13.76
CA LEU A 11 -5.56 6.83 -14.11
C LEU A 11 -5.72 8.34 -14.04
N SER A 12 -6.08 8.96 -15.17
CA SER A 12 -6.15 10.40 -15.29
C SER A 12 -7.61 10.81 -15.42
N LEU A 13 -8.13 11.48 -14.39
CA LEU A 13 -9.54 11.85 -14.35
C LEU A 13 -9.64 13.30 -13.85
N SER A 14 -10.87 13.72 -13.56
CA SER A 14 -11.13 15.05 -13.04
C SER A 14 -12.13 14.97 -11.89
N PRO A 15 -12.14 15.96 -11.00
CA PRO A 15 -13.16 15.98 -9.95
C PRO A 15 -14.56 16.02 -10.53
N GLY A 16 -15.43 15.18 -9.97
CA GLY A 16 -16.78 15.01 -10.44
C GLY A 16 -17.02 13.72 -11.18
N GLU A 17 -15.97 13.09 -11.69
CA GLU A 17 -16.08 11.87 -12.49
C GLU A 17 -16.00 10.63 -11.61
N ARG A 18 -16.39 9.50 -12.20
CA ARG A 18 -16.35 8.22 -11.51
C ARG A 18 -15.04 7.50 -11.82
N ALA A 19 -14.42 6.94 -10.77
CA ALA A 19 -13.13 6.28 -10.89
C ALA A 19 -13.26 4.82 -10.50
N THR A 20 -12.74 3.94 -11.35
CA THR A 20 -12.68 2.51 -11.07
C THR A 20 -11.22 2.06 -11.16
N LEU A 21 -10.73 1.44 -10.10
CA LEU A 21 -9.37 0.92 -10.04
C LEU A 21 -9.42 -0.59 -9.95
N SER A 22 -8.52 -1.26 -10.65
CA SER A 22 -8.51 -2.70 -10.74
C SER A 22 -7.33 -3.31 -9.97
N CYS A 23 -7.56 -4.48 -9.37
N CYS A 23 -7.60 -4.39 -9.25
CA CYS A 23 -6.51 -5.26 -8.72
CA CYS A 23 -6.57 -5.28 -8.77
C CYS A 23 -6.80 -6.74 -9.00
C CYS A 23 -6.94 -6.67 -9.23
N ARG A 24 -6.02 -7.34 -9.91
CA ARG A 24 -6.23 -8.70 -10.37
C ARG A 24 -5.14 -9.62 -9.82
N ALA A 25 -5.55 -10.82 -9.44
CA ALA A 25 -4.66 -11.84 -8.89
C ALA A 25 -4.48 -12.96 -9.90
N SER A 26 -3.28 -13.52 -9.97
CA SER A 26 -2.96 -14.55 -10.95
C SER A 26 -3.70 -15.85 -10.72
N GLN A 27 -4.24 -16.05 -9.53
CA GLN A 27 -5.08 -17.20 -9.21
C GLN A 27 -6.30 -16.73 -8.44
N SER A 28 -7.31 -17.58 -8.36
CA SER A 28 -8.46 -17.30 -7.52
C SER A 28 -8.01 -17.26 -6.06
N VAL A 29 -8.33 -16.16 -5.37
CA VAL A 29 -7.92 -15.96 -3.98
C VAL A 29 -9.14 -15.59 -3.16
N SER A 30 -8.95 -15.56 -1.84
CA SER A 30 -10.02 -15.28 -0.90
C SER A 30 -10.35 -13.80 -0.91
N SER A 31 -11.36 -13.42 -0.12
CA SER A 31 -11.82 -12.04 -0.05
C SER A 31 -10.90 -11.12 0.75
N TYR A 32 -9.79 -11.62 1.30
CA TYR A 32 -8.97 -10.82 2.22
C TYR A 32 -8.09 -9.84 1.44
N LEU A 33 -8.74 -8.90 0.78
CA LEU A 33 -8.05 -7.86 0.03
C LEU A 33 -8.35 -6.49 0.63
N ALA A 34 -7.30 -5.70 0.84
CA ALA A 34 -7.43 -4.36 1.40
C ALA A 34 -6.94 -3.31 0.42
N TRP A 35 -7.53 -2.11 0.50
CA TRP A 35 -7.17 -0.97 -0.35
C TRP A 35 -6.68 0.19 0.51
N TYR A 36 -5.63 0.87 0.04
CA TYR A 36 -5.04 2.00 0.73
C TYR A 36 -4.94 3.21 -0.18
N GLN A 37 -4.96 4.38 0.45
CA GLN A 37 -4.72 5.65 -0.22
C GLN A 37 -3.50 6.28 0.42
N GLN A 38 -2.61 6.83 -0.40
CA GLN A 38 -1.45 7.54 0.12
C GLN A 38 -1.25 8.82 -0.67
N LYS A 39 -1.33 9.96 0.02
CA LYS A 39 -1.04 11.26 -0.56
C LYS A 39 0.42 11.60 -0.34
N PRO A 40 0.99 12.50 -1.14
CA PRO A 40 2.42 12.81 -0.99
C PRO A 40 2.73 13.34 0.40
N GLY A 41 3.81 12.83 1.00
CA GLY A 41 4.24 13.27 2.30
C GLY A 41 3.43 12.75 3.46
N GLN A 42 2.50 11.82 3.22
CA GLN A 42 1.62 11.29 4.24
C GLN A 42 1.73 9.78 4.31
N ALA A 43 1.36 9.25 5.47
CA ALA A 43 1.26 7.81 5.66
C ALA A 43 0.04 7.25 4.92
N PRO A 44 0.11 6.00 4.47
CA PRO A 44 -1.07 5.38 3.87
C PRO A 44 -2.24 5.36 4.83
N ARG A 45 -3.44 5.30 4.27
CA ARG A 45 -4.69 5.21 5.02
C ARG A 45 -5.49 4.04 4.48
N LEU A 46 -5.95 3.17 5.38
CA LEU A 46 -6.79 2.05 4.97
C LEU A 46 -8.17 2.54 4.55
N LEU A 47 -8.66 2.08 3.39
CA LEU A 47 -9.96 2.46 2.87
C LEU A 47 -10.96 1.31 2.94
N ILE A 48 -10.60 0.17 2.36
CA ILE A 48 -11.46 -1.01 2.29
C ILE A 48 -10.66 -2.19 2.80
N TYR A 49 -11.32 -3.08 3.56
CA TYR A 49 -10.76 -4.37 3.87
C TYR A 49 -11.81 -5.45 3.62
N ASP A 50 -11.34 -6.70 3.58
CA ASP A 50 -12.17 -7.86 3.22
C ASP A 50 -12.90 -7.59 1.90
N ALA A 51 -12.21 -6.93 0.97
CA ALA A 51 -12.67 -6.64 -0.39
C ALA A 51 -13.81 -5.63 -0.46
N SER A 52 -14.71 -5.62 0.53
CA SER A 52 -15.93 -4.82 0.36
C SER A 52 -16.38 -4.02 1.58
N THR A 53 -15.73 -4.11 2.74
CA THR A 53 -16.19 -3.36 3.91
C THR A 53 -15.34 -2.11 4.09
N ARG A 54 -16.01 -0.99 4.32
CA ARG A 54 -15.36 0.30 4.47
C ARG A 54 -14.79 0.48 5.87
N ASP A 55 -13.60 1.07 5.98
CA ASP A 55 -13.05 1.34 7.30
C ASP A 55 -13.79 2.53 7.95
N THR A 56 -13.65 2.61 9.27
CA THR A 56 -14.24 3.70 10.05
C THR A 56 -13.78 5.05 9.52
N GLY A 57 -14.73 5.98 9.36
CA GLY A 57 -14.43 7.33 8.90
C GLY A 57 -14.23 7.49 7.41
N ILE A 58 -14.21 6.41 6.64
CA ILE A 58 -14.00 6.56 5.19
C ILE A 58 -15.28 7.05 4.53
N PRO A 59 -15.22 8.06 3.66
CA PRO A 59 -16.45 8.61 3.07
C PRO A 59 -17.14 7.59 2.17
N ALA A 60 -18.47 7.71 2.11
CA ALA A 60 -19.31 6.77 1.38
C ALA A 60 -18.99 6.67 -0.11
N ARG A 61 -18.32 7.66 -0.70
CA ARG A 61 -18.04 7.59 -2.13
C ARG A 61 -17.02 6.50 -2.49
N PHE A 62 -16.34 5.93 -1.50
CA PHE A 62 -15.43 4.80 -1.72
C PHE A 62 -16.19 3.50 -1.52
N SER A 63 -16.00 2.56 -2.44
CA SER A 63 -16.60 1.25 -2.27
C SER A 63 -15.73 0.20 -2.95
N GLY A 64 -15.75 -1.00 -2.40
CA GLY A 64 -14.98 -2.11 -2.94
C GLY A 64 -15.88 -3.28 -3.28
N SER A 65 -15.49 -4.03 -4.29
CA SER A 65 -16.23 -5.19 -4.73
C SER A 65 -15.29 -6.17 -5.40
N GLY A 66 -15.81 -7.35 -5.72
CA GLY A 66 -15.04 -8.34 -6.43
C GLY A 66 -14.77 -9.61 -5.64
N SER A 67 -14.39 -10.67 -6.35
CA SER A 67 -14.10 -11.96 -5.74
C SER A 67 -13.28 -12.76 -6.74
N GLY A 68 -12.71 -13.86 -6.26
CA GLY A 68 -11.91 -14.72 -7.11
C GLY A 68 -10.64 -14.06 -7.59
N THR A 69 -10.63 -13.57 -8.84
CA THR A 69 -9.45 -12.97 -9.40
C THR A 69 -9.54 -11.46 -9.59
N ASP A 70 -10.74 -10.90 -9.70
CA ASP A 70 -10.93 -9.50 -10.08
C ASP A 70 -11.53 -8.71 -8.93
N PHE A 71 -10.83 -7.67 -8.51
CA PHE A 71 -11.27 -6.80 -7.42
C PHE A 71 -11.27 -5.36 -7.90
N THR A 72 -12.24 -4.58 -7.42
CA THR A 72 -12.42 -3.21 -7.89
C THR A 72 -12.57 -2.27 -6.71
N LEU A 73 -11.84 -1.14 -6.75
CA LEU A 73 -12.12 0.02 -5.92
C LEU A 73 -12.81 1.07 -6.78
N THR A 74 -14.00 1.52 -6.34
CA THR A 74 -14.77 2.52 -7.06
C THR A 74 -14.89 3.78 -6.22
N ILE A 75 -14.67 4.93 -6.85
CA ILE A 75 -14.91 6.24 -6.24
C ILE A 75 -16.03 6.89 -7.03
N SER A 76 -17.22 6.96 -6.42
CA SER A 76 -18.43 7.28 -7.17
C SER A 76 -18.30 8.64 -7.87
N SER A 77 -17.77 9.64 -7.18
CA SER A 77 -17.55 10.94 -7.80
C SER A 77 -16.36 11.58 -7.11
N LEU A 78 -15.31 11.84 -7.87
CA LEU A 78 -14.02 12.23 -7.29
C LEU A 78 -14.06 13.65 -6.73
N GLU A 79 -13.50 13.81 -5.53
CA GLU A 79 -13.21 15.10 -4.94
C GLU A 79 -11.75 15.45 -5.13
N PRO A 80 -11.39 16.74 -4.99
CA PRO A 80 -9.97 17.12 -5.16
C PRO A 80 -9.00 16.34 -4.27
N GLU A 81 -9.37 16.06 -3.03
CA GLU A 81 -8.46 15.35 -2.14
C GLU A 81 -8.32 13.86 -2.46
N ASP A 82 -9.06 13.35 -3.44
CA ASP A 82 -8.98 11.94 -3.80
C ASP A 82 -7.85 11.63 -4.77
N PHE A 83 -7.05 12.62 -5.17
CA PHE A 83 -6.02 12.41 -6.18
C PHE A 83 -4.73 12.03 -5.48
N ALA A 84 -4.35 10.76 -5.58
CA ALA A 84 -3.29 10.19 -4.76
C ALA A 84 -2.90 8.86 -5.39
N VAL A 85 -1.95 8.14 -4.73
CA VAL A 85 -1.63 6.78 -5.13
C VAL A 85 -2.50 5.82 -4.32
N TYR A 86 -2.97 4.75 -4.98
CA TYR A 86 -3.80 3.72 -4.33
C TYR A 86 -3.11 2.37 -4.42
N TYR A 87 -3.04 1.67 -3.28
CA TYR A 87 -2.43 0.37 -3.16
C TYR A 87 -3.46 -0.68 -2.74
N CYS A 88 -3.35 -1.88 -3.31
N CYS A 88 -3.39 -1.84 -3.36
CA CYS A 88 -4.11 -3.04 -2.86
CA CYS A 88 -4.08 -3.02 -2.84
C CYS A 88 -3.19 -4.09 -2.26
C CYS A 88 -3.11 -3.88 -2.02
N GLN A 89 -3.66 -4.79 -1.23
CA GLN A 89 -2.86 -5.74 -0.46
C GLN A 89 -3.71 -6.96 -0.13
N HIS A 90 -3.19 -8.16 -0.42
CA HIS A 90 -3.91 -9.40 -0.16
C HIS A 90 -3.19 -10.23 0.90
N HIS A 91 -3.94 -11.18 1.48
CA HIS A 91 -3.38 -12.07 2.50
C HIS A 91 -2.28 -12.95 1.94
N SER A 92 -2.43 -13.41 0.71
CA SER A 92 -1.50 -14.39 0.16
C SER A 92 -0.12 -13.76 -0.07
N ASN A 93 0.88 -14.64 -0.16
CA ASN A 93 2.26 -14.24 -0.45
C ASN A 93 2.79 -13.30 0.63
N TRP A 94 2.56 -13.68 1.89
CA TRP A 94 3.05 -12.91 3.02
C TRP A 94 2.62 -11.45 2.93
N TYR A 95 1.33 -11.25 2.65
CA TYR A 95 0.70 -9.93 2.78
C TYR A 95 1.32 -8.90 1.82
N THR A 96 1.67 -9.35 0.61
CA THR A 96 2.38 -8.49 -0.33
C THR A 96 1.47 -7.39 -0.88
N PHE A 97 1.94 -6.15 -0.84
CA PHE A 97 1.25 -5.02 -1.44
C PHE A 97 1.36 -5.08 -2.96
N GLY A 98 0.34 -4.55 -3.63
CA GLY A 98 0.44 -4.32 -5.05
C GLY A 98 1.31 -3.11 -5.37
N GLN A 99 1.68 -3.01 -6.64
CA GLN A 99 2.59 -1.97 -7.11
C GLN A 99 1.97 -0.57 -7.08
N GLY A 100 0.65 -0.46 -7.05
CA GLY A 100 0.06 0.86 -6.87
C GLY A 100 -0.45 1.47 -8.17
N THR A 101 -1.51 2.27 -8.06
CA THR A 101 -2.11 3.01 -9.16
C THR A 101 -2.12 4.49 -8.80
N LYS A 102 -1.55 5.34 -9.67
CA LYS A 102 -1.57 6.78 -9.44
C LYS A 102 -2.79 7.42 -10.09
N LEU A 103 -3.63 8.04 -9.28
CA LEU A 103 -4.82 8.75 -9.77
C LEU A 103 -4.47 10.22 -9.91
N GLU A 104 -4.31 10.69 -11.16
CA GLU A 104 -3.87 12.05 -11.44
C GLU A 104 -4.97 12.84 -12.14
N ILE A 105 -4.79 14.16 -12.20
CA ILE A 105 -5.80 15.03 -12.80
C ILE A 105 -5.56 15.12 -14.30
N LYS A 106 -6.62 14.84 -15.08
CA LYS A 106 -6.53 14.94 -16.53
C LYS A 106 -6.79 16.38 -16.95
N ARG A 107 -5.91 16.90 -17.79
CA ARG A 107 -6.05 18.24 -18.33
C ARG A 107 -5.74 18.20 -19.81
N THR A 108 -5.88 19.36 -20.46
CA THR A 108 -5.57 19.48 -21.88
C THR A 108 -4.09 19.22 -22.13
N VAL A 109 -3.79 18.56 -23.24
CA VAL A 109 -2.40 18.37 -23.67
C VAL A 109 -1.72 19.73 -23.79
N ALA A 110 -0.50 19.83 -23.29
CA ALA A 110 0.26 21.07 -23.30
C ALA A 110 1.71 20.74 -23.55
N ALA A 111 2.26 21.29 -24.64
CA ALA A 111 3.67 21.11 -24.94
C ALA A 111 4.53 21.87 -23.93
N PRO A 112 5.72 21.35 -23.60
CA PRO A 112 6.63 22.09 -22.72
C PRO A 112 7.34 23.22 -23.43
N SER A 113 7.62 24.28 -22.67
CA SER A 113 8.61 25.28 -23.03
C SER A 113 9.98 24.76 -22.62
N VAL A 114 10.94 24.76 -23.55
CA VAL A 114 12.24 24.14 -23.32
C VAL A 114 13.31 25.23 -23.21
N PHE A 115 14.22 25.05 -22.25
CA PHE A 115 15.29 25.99 -21.95
C PHE A 115 16.57 25.23 -21.64
N ILE A 116 17.70 25.71 -22.15
CA ILE A 116 19.00 25.13 -21.81
C ILE A 116 19.85 26.20 -21.13
N PHE A 117 20.61 25.77 -20.12
CA PHE A 117 21.44 26.67 -19.34
C PHE A 117 22.88 26.17 -19.36
N PRO A 118 23.83 26.95 -19.88
CA PRO A 118 25.24 26.54 -19.85
C PRO A 118 25.78 26.60 -18.43
N PRO A 119 26.91 25.93 -18.16
CA PRO A 119 27.50 26.01 -16.82
C PRO A 119 27.96 27.43 -16.50
N SER A 120 27.69 27.86 -15.27
CA SER A 120 28.12 29.18 -14.84
C SER A 120 29.65 29.26 -14.80
N ASP A 121 30.18 30.46 -15.03
CA ASP A 121 31.63 30.64 -15.00
C ASP A 121 32.19 30.38 -13.60
N GLU A 122 31.37 30.57 -12.56
CA GLU A 122 31.82 30.30 -11.20
C GLU A 122 32.00 28.81 -10.96
N GLN A 123 31.07 27.99 -11.45
CA GLN A 123 31.20 26.54 -11.28
C GLN A 123 32.43 26.03 -12.00
N LEU A 124 32.74 26.59 -13.17
CA LEU A 124 33.87 26.11 -13.96
C LEU A 124 35.20 26.36 -13.25
N LYS A 125 35.28 27.40 -12.41
CA LYS A 125 36.51 27.61 -11.64
C LYS A 125 36.71 26.54 -10.58
N SER A 126 35.67 25.78 -10.25
CA SER A 126 35.77 24.69 -9.29
C SER A 126 36.17 23.37 -9.94
N GLY A 127 36.04 23.25 -11.25
CA GLY A 127 36.43 22.05 -11.97
C GLY A 127 35.29 21.22 -12.50
N THR A 128 34.04 21.57 -12.19
CA THR A 128 32.89 20.83 -12.68
C THR A 128 32.07 21.71 -13.61
N ALA A 129 31.34 21.07 -14.52
CA ALA A 129 30.43 21.73 -15.46
C ALA A 129 29.10 21.01 -15.41
N SER A 130 28.06 21.72 -14.97
CA SER A 130 26.69 21.22 -15.01
C SER A 130 25.94 21.99 -16.09
N VAL A 131 25.33 21.27 -17.02
CA VAL A 131 24.45 21.84 -18.04
C VAL A 131 23.02 21.43 -17.69
N VAL A 132 22.11 22.40 -17.68
CA VAL A 132 20.76 22.17 -17.19
C VAL A 132 19.76 22.41 -18.31
N CYS A 133 18.79 21.50 -18.41
CA CYS A 133 17.69 21.58 -19.38
C CYS A 133 16.37 21.60 -18.62
N LEU A 134 15.55 22.62 -18.87
CA LEU A 134 14.26 22.80 -18.20
C LEU A 134 13.13 22.52 -19.18
N LEU A 135 12.17 21.71 -18.75
CA LEU A 135 10.95 21.44 -19.48
C LEU A 135 9.81 21.95 -18.61
N ASN A 136 9.18 23.05 -19.01
CA ASN A 136 8.27 23.79 -18.16
C ASN A 136 6.82 23.56 -18.59
N ASN A 137 5.99 23.14 -17.63
CA ASN A 137 4.53 23.22 -17.72
C ASN A 137 3.95 22.39 -18.86
N PHE A 138 4.20 21.08 -18.80
CA PHE A 138 3.73 20.19 -19.83
C PHE A 138 2.76 19.16 -19.26
N TYR A 139 1.99 18.55 -20.15
CA TYR A 139 1.06 17.50 -19.78
C TYR A 139 0.75 16.70 -21.03
N PRO A 140 0.69 15.36 -20.96
CA PRO A 140 0.89 14.54 -19.77
C PRO A 140 2.35 14.39 -19.34
N ARG A 141 2.59 13.54 -18.32
CA ARG A 141 3.90 13.46 -17.68
C ARG A 141 4.96 12.87 -18.61
N GLU A 142 4.59 11.92 -19.47
CA GLU A 142 5.54 11.27 -20.36
C GLU A 142 6.35 12.30 -21.15
N ALA A 143 7.67 12.27 -20.98
CA ALA A 143 8.58 13.16 -21.69
C ALA A 143 9.96 12.53 -21.71
N LYS A 144 10.62 12.54 -22.87
CA LYS A 144 11.97 12.03 -23.00
C LYS A 144 12.93 13.18 -23.28
N VAL A 145 14.05 13.19 -22.56
CA VAL A 145 15.13 14.15 -22.77
C VAL A 145 16.37 13.38 -23.20
N GLN A 146 16.96 13.80 -24.31
CA GLN A 146 18.17 13.19 -24.83
C GLN A 146 19.24 14.27 -24.98
N TRP A 147 20.40 14.03 -24.40
CA TRP A 147 21.54 14.96 -24.47
C TRP A 147 22.44 14.64 -25.66
N LYS A 148 22.88 15.70 -26.36
CA LYS A 148 23.75 15.58 -27.53
C LYS A 148 24.95 16.49 -27.36
N VAL A 149 26.15 15.92 -27.49
CA VAL A 149 27.40 16.66 -27.39
C VAL A 149 28.16 16.47 -28.70
N ASP A 150 28.34 17.57 -29.45
CA ASP A 150 28.91 17.53 -30.80
C ASP A 150 28.17 16.51 -31.66
N ASN A 151 26.85 16.44 -31.48
CA ASN A 151 25.94 15.52 -32.16
C ASN A 151 26.20 14.06 -31.78
N ALA A 152 26.88 13.81 -30.67
CA ALA A 152 27.05 12.47 -30.14
C ALA A 152 26.04 12.24 -29.03
N LEU A 153 25.31 11.12 -29.12
CA LEU A 153 24.31 10.82 -28.11
C LEU A 153 24.98 10.51 -26.78
N GLN A 154 24.51 11.18 -25.74
CA GLN A 154 25.05 11.05 -24.41
C GLN A 154 24.27 10.01 -23.62
N SER A 155 24.95 9.36 -22.68
CA SER A 155 24.33 8.29 -21.91
C SER A 155 25.07 8.10 -20.60
N GLY A 156 24.32 7.91 -19.52
CA GLY A 156 24.88 7.59 -18.22
C GLY A 156 25.55 8.74 -17.49
N ASN A 157 25.39 9.98 -17.94
CA ASN A 157 26.01 11.12 -17.28
C ASN A 157 24.99 12.23 -17.05
N SER A 158 23.72 11.88 -16.86
CA SER A 158 22.70 12.88 -16.56
C SER A 158 21.74 12.35 -15.51
N GLN A 159 21.12 13.28 -14.79
CA GLN A 159 20.06 12.98 -13.84
C GLN A 159 18.92 13.94 -14.06
N GLU A 160 17.70 13.46 -13.84
CA GLU A 160 16.51 14.29 -13.98
C GLU A 160 15.62 14.12 -12.77
N SER A 161 14.71 15.09 -12.59
CA SER A 161 13.66 14.99 -11.58
C SER A 161 12.46 15.79 -12.06
N VAL A 162 11.28 15.36 -11.62
CA VAL A 162 10.00 15.91 -12.04
C VAL A 162 9.26 16.42 -10.81
N THR A 163 8.57 17.54 -10.97
CA THR A 163 7.74 18.07 -9.90
C THR A 163 6.43 17.28 -9.81
N GLU A 164 5.74 17.46 -8.68
CA GLU A 164 4.38 16.98 -8.55
C GLU A 164 3.44 17.81 -9.42
N GLN A 165 2.30 17.21 -9.77
CA GLN A 165 1.30 17.89 -10.58
C GLN A 165 0.88 19.21 -9.93
N ASP A 166 0.99 20.30 -10.71
CA ASP A 166 0.85 21.63 -10.17
C ASP A 166 -0.57 21.88 -9.66
N SER A 167 -0.67 22.63 -8.55
CA SER A 167 -1.95 22.76 -7.87
C SER A 167 -2.93 23.65 -8.64
N LYS A 168 -2.43 24.58 -9.46
CA LYS A 168 -3.33 25.49 -10.15
C LYS A 168 -3.52 25.18 -11.64
N ASP A 169 -2.49 24.74 -12.35
CA ASP A 169 -2.64 24.46 -13.77
C ASP A 169 -2.54 22.99 -14.14
N SER A 170 -2.24 22.11 -13.18
CA SER A 170 -2.23 20.66 -13.37
C SER A 170 -1.09 20.19 -14.28
N THR A 171 -0.02 20.96 -14.45
CA THR A 171 1.07 20.58 -15.33
C THR A 171 2.27 20.06 -14.54
N TYR A 172 3.19 19.46 -15.27
CA TYR A 172 4.43 18.92 -14.74
C TYR A 172 5.60 19.74 -15.25
N SER A 173 6.70 19.70 -14.50
CA SER A 173 7.93 20.30 -14.98
C SER A 173 9.07 19.33 -14.69
N LEU A 174 10.09 19.39 -15.54
CA LEU A 174 11.19 18.45 -15.50
C LEU A 174 12.49 19.21 -15.67
N SER A 175 13.49 18.81 -14.89
CA SER A 175 14.82 19.37 -14.96
C SER A 175 15.80 18.24 -15.19
N SER A 176 16.65 18.38 -16.20
CA SER A 176 17.66 17.39 -16.54
C SER A 176 19.02 18.06 -16.45
N THR A 177 19.96 17.41 -15.77
CA THR A 177 21.28 17.98 -15.52
C THR A 177 22.35 17.06 -16.09
N LEU A 178 23.23 17.65 -16.90
CA LEU A 178 24.35 16.96 -17.52
C LEU A 178 25.63 17.44 -16.83
N THR A 179 26.36 16.50 -16.24
CA THR A 179 27.56 16.79 -15.47
C THR A 179 28.76 16.20 -16.18
N LEU A 180 29.74 17.03 -16.48
CA LEU A 180 31.02 16.58 -17.00
C LEU A 180 32.14 17.29 -16.24
N SER A 181 33.35 16.76 -16.36
CA SER A 181 34.50 17.46 -15.83
C SER A 181 34.81 18.67 -16.72
N LYS A 182 35.45 19.67 -16.12
CA LYS A 182 35.76 20.88 -16.87
C LYS A 182 36.65 20.58 -18.07
N ALA A 183 37.55 19.61 -17.92
CA ALA A 183 38.41 19.21 -19.04
C ALA A 183 37.57 18.65 -20.18
N ASP A 184 36.65 17.73 -19.87
CA ASP A 184 35.78 17.18 -20.91
C ASP A 184 34.84 18.23 -21.48
N TYR A 185 34.35 19.15 -20.64
CA TYR A 185 33.43 20.18 -21.13
C TYR A 185 34.14 21.12 -22.10
N GLU A 186 35.39 21.50 -21.80
CA GLU A 186 36.12 22.40 -22.67
C GLU A 186 36.72 21.70 -23.89
N LYS A 187 36.29 20.47 -24.16
CA LYS A 187 36.73 19.70 -25.32
C LYS A 187 35.73 19.71 -26.47
N HIS A 188 34.47 20.08 -26.21
CA HIS A 188 33.41 20.03 -27.20
C HIS A 188 32.79 21.40 -27.40
N LYS A 189 32.13 21.58 -28.55
CA LYS A 189 31.60 22.88 -28.94
C LYS A 189 30.09 23.02 -28.71
N VAL A 190 29.28 22.12 -29.27
CA VAL A 190 27.84 22.29 -29.26
C VAL A 190 27.21 21.34 -28.25
N TYR A 191 26.41 21.89 -27.35
CA TYR A 191 25.68 21.15 -26.34
C TYR A 191 24.18 21.30 -26.63
N ALA A 192 23.47 20.19 -26.66
CA ALA A 192 22.08 20.20 -27.09
C ALA A 192 21.24 19.29 -26.22
N CYS A 193 20.04 19.77 -25.88
N CYS A 193 20.03 19.75 -25.92
CA CYS A 193 19.00 19.03 -25.16
CA CYS A 193 19.05 18.96 -25.19
C CYS A 193 17.82 18.81 -26.11
C CYS A 193 17.83 18.79 -26.09
N GLU A 194 17.46 17.55 -26.36
CA GLU A 194 16.38 17.21 -27.27
C GLU A 194 15.20 16.62 -26.50
N VAL A 195 14.04 17.25 -26.63
CA VAL A 195 12.84 16.91 -25.87
C VAL A 195 11.82 16.26 -26.80
N THR A 196 11.24 15.14 -26.38
CA THR A 196 10.19 14.45 -27.12
C THR A 196 8.95 14.36 -26.25
N HIS A 197 7.82 14.86 -26.75
CA HIS A 197 6.59 14.84 -25.97
C HIS A 197 5.39 15.01 -26.90
N GLN A 198 4.28 14.35 -26.54
CA GLN A 198 3.19 14.19 -27.50
C GLN A 198 2.51 15.51 -27.87
N GLY A 199 2.70 16.56 -27.07
CA GLY A 199 2.14 17.86 -27.40
C GLY A 199 2.91 18.60 -28.47
N LEU A 200 4.13 18.16 -28.77
CA LEU A 200 4.94 18.69 -29.85
C LEU A 200 4.77 17.84 -31.09
N SER A 201 4.65 18.49 -32.25
CA SER A 201 4.51 17.77 -33.51
C SER A 201 5.80 17.09 -33.94
N SER A 202 6.94 17.53 -33.40
CA SER A 202 8.22 16.88 -33.63
C SER A 202 9.08 17.12 -32.39
N PRO A 203 10.17 16.38 -32.24
CA PRO A 203 11.08 16.67 -31.13
C PRO A 203 11.64 18.07 -31.25
N VAL A 204 11.86 18.72 -30.11
CA VAL A 204 12.35 20.09 -30.04
C VAL A 204 13.69 20.11 -29.33
N THR A 205 14.61 20.90 -29.86
CA THR A 205 15.96 20.96 -29.36
C THR A 205 16.30 22.40 -28.98
N LYS A 206 16.99 22.56 -27.85
CA LYS A 206 17.65 23.80 -27.52
C LYS A 206 19.14 23.54 -27.31
N SER A 207 19.98 24.47 -27.78
CA SER A 207 21.41 24.24 -27.79
C SER A 207 22.15 25.57 -27.64
N PHE A 208 23.47 25.45 -27.42
CA PHE A 208 24.37 26.58 -27.41
C PHE A 208 25.74 26.10 -27.85
N ASN A 209 26.59 27.05 -28.23
CA ASN A 209 27.99 26.79 -28.53
C ASN A 209 28.84 27.32 -27.40
N ARG A 210 29.78 26.50 -26.93
CA ARG A 210 30.63 26.89 -25.81
C ARG A 210 31.47 28.10 -26.18
N GLY A 211 31.41 29.14 -25.34
CA GLY A 211 32.11 30.38 -25.58
C GLY A 211 31.32 31.44 -26.29
N GLU A 212 30.02 31.24 -26.49
CA GLU A 212 29.20 32.19 -27.25
C GLU A 212 27.89 32.49 -26.51
N GLU B 1 -8.26 8.53 18.85
CA GLU B 1 -7.46 8.36 20.06
C GLU B 1 -6.55 7.12 19.97
N VAL B 2 -6.87 6.23 19.04
CA VAL B 2 -5.98 5.13 18.68
C VAL B 2 -4.86 5.70 17.80
N GLN B 3 -3.61 5.49 18.20
CA GLN B 3 -2.54 6.07 17.40
C GLN B 3 -1.22 5.36 17.63
N LEU B 4 -0.33 5.52 16.66
CA LEU B 4 1.04 5.04 16.72
C LEU B 4 1.97 6.20 16.41
N VAL B 5 2.95 6.42 17.27
CA VAL B 5 3.90 7.52 17.12
C VAL B 5 5.29 6.93 17.00
N GLN B 6 5.97 7.25 15.92
CA GLN B 6 7.29 6.75 15.64
C GLN B 6 8.35 7.76 16.08
N SER B 7 9.56 7.26 16.31
CA SER B 7 10.70 8.10 16.65
C SER B 7 11.13 8.93 15.44
N GLY B 8 12.00 9.90 15.69
CA GLY B 8 12.34 10.91 14.70
C GLY B 8 13.28 10.43 13.61
N ALA B 9 13.52 11.33 12.65
CA ALA B 9 14.34 11.04 11.48
C ALA B 9 15.77 10.68 11.88
N GLU B 10 16.40 9.79 11.11
CA GLU B 10 17.72 9.27 11.40
C GLU B 10 18.67 9.52 10.23
N VAL B 11 19.84 10.08 10.52
CA VAL B 11 20.92 10.17 9.54
C VAL B 11 22.09 9.35 10.06
N LYS B 12 22.39 8.24 9.39
CA LYS B 12 23.41 7.31 9.85
C LYS B 12 24.45 7.07 8.76
N LYS B 13 25.53 6.43 9.16
CA LYS B 13 26.59 6.02 8.25
C LYS B 13 26.55 4.50 8.07
N PRO B 14 27.06 3.97 6.95
CA PRO B 14 26.95 2.52 6.71
C PRO B 14 27.77 1.76 7.75
N GLY B 15 27.27 0.59 8.14
CA GLY B 15 27.88 -0.20 9.18
C GLY B 15 27.32 0.05 10.57
N GLU B 16 26.78 1.23 10.84
CA GLU B 16 26.29 1.50 12.18
C GLU B 16 25.04 0.68 12.46
N SER B 17 24.83 0.39 13.73
CA SER B 17 23.57 -0.19 14.15
C SER B 17 22.55 0.93 14.35
N LEU B 18 21.28 0.55 14.31
CA LEU B 18 20.22 1.52 14.48
C LEU B 18 18.98 0.80 14.97
N LYS B 19 18.24 1.44 15.86
CA LYS B 19 17.03 0.88 16.44
C LYS B 19 16.01 2.01 16.47
N ILE B 20 14.95 1.86 15.70
CA ILE B 20 13.87 2.85 15.66
C ILE B 20 12.66 2.23 16.33
N SER B 21 11.76 3.10 16.80
CA SER B 21 10.71 2.71 17.74
C SER B 21 9.34 3.23 17.32
N CYS B 22 8.32 2.50 17.80
CA CYS B 22 6.92 2.74 17.47
C CYS B 22 6.10 2.53 18.74
N LYS B 23 5.48 3.60 19.24
CA LYS B 23 4.75 3.60 20.50
C LYS B 23 3.24 3.64 20.25
N GLY B 24 2.51 2.74 20.89
CA GLY B 24 1.07 2.68 20.77
C GLY B 24 0.35 3.40 21.89
N SER B 25 -0.83 3.95 21.58
CA SER B 25 -1.66 4.71 22.50
C SER B 25 -3.13 4.40 22.23
N GLY B 26 -3.93 4.42 23.30
CA GLY B 26 -5.37 4.30 23.15
C GLY B 26 -5.92 2.91 22.89
N TYR B 27 -5.12 1.86 23.03
CA TYR B 27 -5.65 0.52 22.85
C TYR B 27 -4.70 -0.48 23.50
N SER B 28 -5.17 -1.73 23.57
CA SER B 28 -4.39 -2.81 24.18
C SER B 28 -3.28 -3.22 23.21
N PHE B 29 -2.08 -2.65 23.40
CA PHE B 29 -0.96 -2.88 22.51
C PHE B 29 -0.61 -4.36 22.41
N THR B 30 -0.74 -5.11 23.49
CA THR B 30 -0.35 -6.51 23.44
C THR B 30 -1.43 -7.40 22.86
N SER B 31 -2.58 -6.84 22.48
CA SER B 31 -3.67 -7.62 21.91
C SER B 31 -3.65 -7.67 20.38
N TYR B 32 -2.69 -6.99 19.73
CA TYR B 32 -2.69 -6.91 18.27
C TYR B 32 -1.28 -7.01 17.73
N TRP B 33 -1.16 -7.60 16.54
CA TRP B 33 0.09 -7.58 15.82
C TRP B 33 0.47 -6.15 15.43
N ILE B 34 1.76 -5.86 15.50
CA ILE B 34 2.35 -4.63 14.98
C ILE B 34 3.27 -5.00 13.84
N GLY B 35 3.08 -4.34 12.69
CA GLY B 35 3.92 -4.64 11.52
C GLY B 35 4.82 -3.48 11.12
N TRP B 36 5.90 -3.77 10.37
CA TRP B 36 6.75 -2.73 9.82
C TRP B 36 6.72 -2.77 8.30
N VAL B 37 6.69 -1.59 7.69
CA VAL B 37 6.49 -1.45 6.24
C VAL B 37 7.56 -0.50 5.70
N ARG B 38 8.20 -0.87 4.59
CA ARG B 38 9.23 -0.06 3.98
C ARG B 38 8.74 0.57 2.67
N GLN B 39 9.19 1.80 2.43
CA GLN B 39 8.92 2.50 1.17
C GLN B 39 10.20 3.22 0.77
N MET B 40 10.90 2.67 -0.20
CA MET B 40 12.11 3.29 -0.70
C MET B 40 11.75 4.54 -1.52
N PRO B 41 12.68 5.50 -1.64
CA PRO B 41 12.35 6.77 -2.30
C PRO B 41 11.75 6.58 -3.69
N GLY B 42 10.55 7.11 -3.90
CA GLY B 42 9.88 6.99 -5.18
C GLY B 42 9.25 5.65 -5.46
N LYS B 43 9.13 4.77 -4.46
CA LYS B 43 8.66 3.41 -4.70
C LYS B 43 7.38 3.13 -3.91
N GLY B 44 6.85 1.92 -4.08
CA GLY B 44 5.66 1.48 -3.37
C GLY B 44 5.99 0.92 -1.99
N LEU B 45 4.97 0.30 -1.40
CA LEU B 45 5.06 -0.19 -0.02
C LEU B 45 5.49 -1.65 0.01
N GLU B 46 6.31 -2.00 1.01
CA GLU B 46 6.83 -3.35 1.18
C GLU B 46 6.60 -3.82 2.62
N TRP B 47 5.84 -4.91 2.78
CA TRP B 47 5.56 -5.50 4.09
C TRP B 47 6.79 -6.26 4.56
N MET B 48 7.34 -5.88 5.72
CA MET B 48 8.56 -6.50 6.23
C MET B 48 8.29 -7.64 7.21
N GLY B 49 7.45 -7.42 8.21
CA GLY B 49 7.10 -8.45 9.15
C GLY B 49 6.30 -7.88 10.31
N ILE B 50 5.92 -8.77 11.23
CA ILE B 50 5.03 -8.44 12.33
C ILE B 50 5.49 -9.12 13.62
N ILE B 51 5.12 -8.51 14.75
CA ILE B 51 5.36 -9.07 16.07
C ILE B 51 4.09 -8.96 16.89
N TYR B 52 3.86 -9.96 17.74
CA TYR B 52 2.75 -9.94 18.68
C TYR B 52 3.29 -9.57 20.03
N PRO B 53 3.20 -8.29 20.45
CA PRO B 53 3.91 -7.88 21.67
C PRO B 53 3.50 -8.62 22.93
N GLY B 54 2.39 -9.37 22.92
CA GLY B 54 2.03 -10.14 24.09
C GLY B 54 3.08 -11.16 24.47
N ASP B 55 3.65 -11.86 23.48
CA ASP B 55 4.66 -12.87 23.75
C ASP B 55 5.86 -12.77 22.81
N SER B 56 5.98 -11.70 22.03
CA SER B 56 7.12 -11.46 21.14
C SER B 56 7.25 -12.53 20.05
N ASP B 57 6.14 -13.23 19.76
CA ASP B 57 6.07 -14.02 18.54
C ASP B 57 6.27 -13.11 17.32
N THR B 58 7.23 -13.47 16.48
CA THR B 58 7.67 -12.63 15.37
C THR B 58 7.60 -13.43 14.07
N ARG B 59 7.03 -12.83 13.02
CA ARG B 59 6.95 -13.45 11.70
C ARG B 59 7.50 -12.46 10.68
N TYR B 60 8.48 -12.92 9.90
CA TYR B 60 9.17 -12.11 8.91
C TYR B 60 8.78 -12.54 7.51
N SER B 61 8.70 -11.56 6.61
CA SER B 61 8.59 -11.88 5.20
C SER B 61 9.90 -12.50 4.71
N PRO B 62 9.84 -13.55 3.89
CA PRO B 62 11.08 -14.14 3.34
C PRO B 62 12.01 -13.14 2.69
N SER B 63 11.50 -11.99 2.24
CA SER B 63 12.35 -10.94 1.67
C SER B 63 13.18 -10.23 2.72
N PHE B 64 12.76 -10.23 3.98
CA PHE B 64 13.46 -9.49 5.01
C PHE B 64 14.00 -10.37 6.12
N GLN B 65 13.70 -11.68 6.09
CA GLN B 65 14.22 -12.60 7.10
C GLN B 65 15.74 -12.55 7.13
N GLY B 66 16.30 -12.31 8.31
CA GLY B 66 17.73 -12.22 8.49
C GLY B 66 18.33 -10.87 8.17
N GLN B 67 17.56 -9.94 7.63
CA GLN B 67 18.06 -8.59 7.33
C GLN B 67 17.78 -7.61 8.45
N VAL B 68 16.80 -7.91 9.30
CA VAL B 68 16.34 -7.02 10.35
C VAL B 68 15.92 -7.86 11.54
N THR B 69 15.77 -7.19 12.68
CA THR B 69 15.20 -7.81 13.86
C THR B 69 14.07 -6.92 14.35
N ILE B 70 12.89 -7.51 14.51
CA ILE B 70 11.72 -6.84 15.08
C ILE B 70 11.58 -7.31 16.52
N SER B 71 11.40 -6.37 17.45
CA SER B 71 11.23 -6.73 18.85
C SER B 71 10.21 -5.79 19.47
N ALA B 72 9.90 -6.04 20.75
CA ALA B 72 8.87 -5.28 21.42
C ALA B 72 9.10 -5.32 22.92
N ASP B 73 8.78 -4.19 23.56
CA ASP B 73 8.79 -4.06 25.00
C ASP B 73 7.33 -3.95 25.43
N LYS B 74 6.76 -5.07 25.87
CA LYS B 74 5.36 -5.14 26.25
C LYS B 74 5.00 -4.14 27.35
N SER B 75 5.96 -3.81 28.22
N SER B 75 5.97 -3.79 28.21
CA SER B 75 5.64 -2.99 29.38
CA SER B 75 5.65 -2.99 29.39
C SER B 75 5.40 -1.53 29.03
C SER B 75 5.51 -1.51 29.09
N ILE B 76 5.89 -1.06 27.88
CA ILE B 76 5.74 0.35 27.51
C ILE B 76 5.16 0.48 26.11
N SER B 77 4.45 -0.54 25.64
CA SER B 77 3.67 -0.49 24.41
C SER B 77 4.50 0.02 23.24
N THR B 78 5.73 -0.47 23.13
CA THR B 78 6.64 -0.01 22.09
C THR B 78 7.14 -1.20 21.30
N ALA B 79 7.14 -1.05 19.98
CA ALA B 79 7.75 -1.98 19.05
C ALA B 79 9.00 -1.36 18.44
N TYR B 80 9.91 -2.21 18.00
CA TYR B 80 11.22 -1.76 17.56
C TYR B 80 11.61 -2.43 16.25
N LEU B 81 12.33 -1.68 15.43
CA LEU B 81 12.90 -2.18 14.18
C LEU B 81 14.39 -1.88 14.23
N GLN B 82 15.23 -2.88 14.01
CA GLN B 82 16.66 -2.68 14.23
C GLN B 82 17.52 -3.34 13.15
N TRP B 83 18.63 -2.68 12.87
CA TRP B 83 19.69 -3.23 12.04
C TRP B 83 20.98 -3.25 12.84
N SER B 84 21.79 -4.28 12.62
CA SER B 84 23.12 -4.28 13.22
C SER B 84 24.18 -3.64 12.34
N SER B 85 23.97 -3.60 11.01
CA SER B 85 24.96 -3.01 10.09
C SER B 85 24.22 -2.40 8.90
N LEU B 86 23.91 -1.11 9.00
CA LEU B 86 23.12 -0.44 7.97
C LEU B 86 23.86 -0.39 6.63
N LYS B 87 23.07 -0.50 5.56
CA LYS B 87 23.53 -0.33 4.19
C LYS B 87 22.97 0.96 3.60
N ALA B 88 23.67 1.49 2.59
CA ALA B 88 23.14 2.63 1.84
C ALA B 88 21.75 2.32 1.28
N SER B 89 21.57 1.11 0.76
CA SER B 89 20.27 0.72 0.22
C SER B 89 19.17 0.63 1.28
N ASP B 90 19.50 0.72 2.57
CA ASP B 90 18.47 0.80 3.62
C ASP B 90 17.86 2.19 3.73
N THR B 91 18.35 3.15 2.96
CA THR B 91 17.78 4.49 2.96
C THR B 91 16.34 4.41 2.47
N ALA B 92 15.39 4.73 3.33
CA ALA B 92 13.98 4.63 2.97
C ALA B 92 13.13 5.24 4.07
N MET B 93 11.82 5.23 3.85
CA MET B 93 10.82 5.56 4.84
C MET B 93 10.31 4.27 5.45
N TYR B 94 10.18 4.24 6.78
CA TYR B 94 9.67 3.07 7.49
C TYR B 94 8.42 3.43 8.28
N TYR B 95 7.35 2.68 8.06
CA TYR B 95 6.11 2.83 8.81
C TYR B 95 5.90 1.61 9.69
N CYS B 96 5.37 1.84 10.89
CA CYS B 96 4.72 0.76 11.63
C CYS B 96 3.22 0.87 11.44
N ALA B 97 2.55 -0.27 11.49
CA ALA B 97 1.11 -0.29 11.32
C ALA B 97 0.53 -1.51 12.02
N ARG B 98 -0.65 -1.34 12.60
CA ARG B 98 -1.35 -2.43 13.26
C ARG B 98 -1.87 -3.42 12.20
N HIS B 99 -1.52 -4.69 12.36
CA HIS B 99 -1.76 -5.73 11.36
C HIS B 99 -2.89 -6.64 11.86
N LEU B 100 -3.97 -6.74 11.08
CA LEU B 100 -5.21 -7.38 11.55
C LEU B 100 -5.33 -8.80 10.96
N GLY B 101 -5.04 -9.80 11.78
CA GLY B 101 -5.32 -11.19 11.43
C GLY B 101 -4.13 -11.91 10.80
N ILE B 102 -4.01 -13.20 11.13
CA ILE B 102 -2.98 -14.05 10.55
C ILE B 102 -3.57 -14.95 9.47
N ASP B 103 -4.50 -15.84 9.86
CA ASP B 103 -5.15 -16.75 8.92
C ASP B 103 -6.34 -16.13 8.22
N TYR B 104 -6.84 -15.01 8.75
CA TYR B 104 -7.63 -14.03 8.01
C TYR B 104 -6.81 -12.76 7.93
N PHE B 105 -7.23 -11.82 7.09
CA PHE B 105 -6.49 -10.57 6.96
C PHE B 105 -7.45 -9.42 6.65
N PHE B 106 -7.52 -8.44 7.56
CA PHE B 106 -8.35 -7.26 7.38
C PHE B 106 -7.52 -6.00 7.16
N GLY B 107 -6.29 -6.16 6.66
CA GLY B 107 -5.47 -5.00 6.36
C GLY B 107 -4.77 -4.43 7.59
N MET B 108 -4.06 -3.34 7.34
CA MET B 108 -3.30 -2.62 8.37
C MET B 108 -4.01 -1.29 8.61
N ASP B 109 -4.67 -1.16 9.77
CA ASP B 109 -5.69 -0.14 9.92
C ASP B 109 -5.26 1.10 10.69
N VAL B 110 -4.11 1.05 11.38
CA VAL B 110 -3.58 2.20 12.09
C VAL B 110 -2.11 2.34 11.75
N TRP B 111 -1.68 3.53 11.36
CA TRP B 111 -0.32 3.75 10.86
C TRP B 111 0.39 4.80 11.69
N GLY B 112 1.69 4.58 11.91
CA GLY B 112 2.53 5.65 12.39
C GLY B 112 2.76 6.69 11.32
N GLN B 113 3.33 7.81 11.71
CA GLN B 113 3.58 8.89 10.76
C GLN B 113 4.81 8.63 9.90
N GLY B 114 5.55 7.57 10.18
CA GLY B 114 6.72 7.23 9.39
C GLY B 114 7.99 7.78 9.99
N THR B 115 9.10 7.10 9.69
CA THR B 115 10.42 7.50 10.15
C THR B 115 11.35 7.42 8.95
N THR B 116 12.02 8.53 8.64
CA THR B 116 12.99 8.57 7.56
C THR B 116 14.35 8.10 8.07
N VAL B 117 14.96 7.15 7.35
CA VAL B 117 16.33 6.73 7.61
C VAL B 117 17.17 7.04 6.38
N THR B 118 18.20 7.85 6.57
CA THR B 118 19.15 8.15 5.52
C THR B 118 20.49 7.53 5.90
N VAL B 119 21.06 6.74 5.00
CA VAL B 119 22.31 6.04 5.26
C VAL B 119 23.31 6.45 4.20
N SER B 120 24.30 7.22 4.62
CA SER B 120 25.30 7.74 3.69
C SER B 120 26.66 7.78 4.37
N SER B 121 27.69 7.55 3.58
CA SER B 121 29.07 7.75 4.03
C SER B 121 29.43 9.23 4.07
N ALA B 122 28.55 10.10 3.63
CA ALA B 122 28.80 11.54 3.60
C ALA B 122 28.66 12.15 4.99
N SER B 123 29.31 13.29 5.17
CA SER B 123 29.14 14.12 6.34
C SER B 123 28.41 15.41 5.97
N THR B 124 27.84 16.06 6.99
CA THR B 124 27.11 17.30 6.79
C THR B 124 27.92 18.29 5.98
N LYS B 125 27.29 18.88 4.97
CA LYS B 125 27.97 19.82 4.08
C LYS B 125 26.94 20.79 3.50
N GLY B 126 27.26 22.08 3.53
CA GLY B 126 26.42 23.08 2.94
C GLY B 126 26.57 23.15 1.44
N PRO B 127 25.53 23.64 0.75
CA PRO B 127 25.54 23.64 -0.71
C PRO B 127 26.33 24.80 -1.32
N SER B 128 26.63 24.64 -2.60
CA SER B 128 27.08 25.72 -3.46
C SER B 128 25.94 26.13 -4.38
N VAL B 129 25.83 27.42 -4.65
CA VAL B 129 24.70 27.98 -5.38
C VAL B 129 25.22 28.67 -6.63
N PHE B 130 24.84 28.15 -7.80
CA PHE B 130 25.28 28.70 -9.06
C PHE B 130 24.09 29.29 -9.82
N PRO B 131 24.30 30.38 -10.57
CA PRO B 131 23.21 30.95 -11.35
C PRO B 131 22.88 30.13 -12.58
N LEU B 132 21.61 30.20 -13.00
CA LEU B 132 21.14 29.69 -14.28
C LEU B 132 20.61 30.91 -15.05
N ALA B 133 21.52 31.61 -15.73
CA ALA B 133 21.18 32.92 -16.29
C ALA B 133 20.26 32.80 -17.49
N PRO B 134 19.36 33.76 -17.68
CA PRO B 134 18.50 33.74 -18.88
C PRO B 134 19.33 33.93 -20.14
N SER B 135 18.85 33.33 -21.23
CA SER B 135 19.55 33.37 -22.51
C SER B 135 19.17 34.64 -23.27
N SER B 136 19.58 34.70 -24.54
CA SER B 136 19.29 35.84 -25.41
C SER B 136 17.92 35.65 -26.04
N LYS B 137 16.95 36.46 -25.61
CA LYS B 137 15.63 36.51 -26.25
C LYS B 137 14.91 37.82 -25.92
N GLY B 142 6.84 36.97 -25.10
CA GLY B 142 8.19 36.60 -24.70
C GLY B 142 8.31 36.19 -23.25
N THR B 143 8.68 34.92 -23.03
CA THR B 143 8.89 34.37 -21.69
C THR B 143 10.33 33.93 -21.56
N ALA B 144 10.96 34.29 -20.44
CA ALA B 144 12.33 33.90 -20.13
C ALA B 144 12.36 33.01 -18.90
N ALA B 145 13.39 32.17 -18.81
CA ALA B 145 13.60 31.29 -17.67
C ALA B 145 14.94 31.60 -17.03
N LEU B 146 14.96 31.60 -15.69
CA LEU B 146 16.18 31.78 -14.93
C LEU B 146 16.06 30.97 -13.64
N GLY B 147 17.19 30.68 -13.01
CA GLY B 147 17.13 29.83 -11.85
C GLY B 147 18.43 29.78 -11.08
N CYS B 148 18.45 28.85 -10.12
CA CYS B 148 19.59 28.59 -9.24
C CYS B 148 19.88 27.10 -9.22
N LEU B 149 21.16 26.74 -9.29
CA LEU B 149 21.61 25.37 -9.13
C LEU B 149 22.21 25.22 -7.73
N VAL B 150 21.62 24.35 -6.92
CA VAL B 150 21.98 24.17 -5.52
C VAL B 150 22.67 22.81 -5.41
N LYS B 151 23.99 22.81 -5.37
CA LYS B 151 24.77 21.63 -5.68
C LYS B 151 25.62 21.17 -4.49
N ASP B 152 25.67 19.85 -4.30
CA ASP B 152 26.61 19.18 -3.38
C ASP B 152 26.38 19.55 -1.92
N TYR B 153 25.24 19.15 -1.36
CA TYR B 153 24.95 19.37 0.05
C TYR B 153 24.48 18.05 0.68
N PHE B 154 24.51 18.02 2.01
CA PHE B 154 24.06 16.86 2.78
C PHE B 154 23.86 17.23 4.24
N PRO B 155 22.80 16.72 4.89
CA PRO B 155 21.75 15.94 4.24
C PRO B 155 20.63 16.84 3.71
N GLU B 156 19.55 16.23 3.20
CA GLU B 156 18.32 16.97 2.95
C GLU B 156 17.77 17.53 4.26
N PRO B 157 16.90 18.56 4.20
CA PRO B 157 16.43 19.29 3.02
C PRO B 157 17.10 20.63 2.86
N VAL B 158 16.87 21.25 1.72
CA VAL B 158 17.25 22.63 1.50
C VAL B 158 15.99 23.36 1.06
N THR B 159 15.89 24.65 1.41
CA THR B 159 14.74 25.47 1.06
C THR B 159 15.17 26.63 0.17
N VAL B 160 14.38 26.91 -0.86
CA VAL B 160 14.68 27.97 -1.81
C VAL B 160 13.47 28.88 -1.96
N SER B 161 13.66 30.18 -1.73
CA SER B 161 12.67 31.18 -2.06
C SER B 161 13.31 32.22 -2.99
N TRP B 162 12.46 33.02 -3.61
CA TRP B 162 12.89 34.00 -4.60
C TRP B 162 12.52 35.40 -4.14
N ASN B 163 13.49 36.30 -4.17
CA ASN B 163 13.31 37.68 -3.74
C ASN B 163 12.65 37.75 -2.37
N SER B 164 13.14 36.90 -1.45
CA SER B 164 12.68 36.87 -0.05
C SER B 164 11.18 36.61 0.06
N GLY B 165 10.66 35.78 -0.82
CA GLY B 165 9.26 35.40 -0.79
C GLY B 165 8.33 36.29 -1.57
N ALA B 166 8.85 37.35 -2.22
CA ALA B 166 8.01 38.27 -2.99
C ALA B 166 7.66 37.72 -4.36
N LEU B 167 8.42 36.74 -4.86
CA LEU B 167 8.17 36.12 -6.16
C LEU B 167 7.80 34.67 -5.92
N THR B 168 6.54 34.32 -6.21
CA THR B 168 6.08 32.95 -6.05
C THR B 168 5.46 32.40 -7.33
N SER B 169 4.86 33.28 -8.13
CA SER B 169 4.21 32.84 -9.35
C SER B 169 5.25 32.36 -10.37
N GLY B 170 4.98 31.21 -10.99
CA GLY B 170 5.90 30.63 -11.96
C GLY B 170 7.15 30.00 -11.38
N VAL B 171 7.21 29.76 -10.08
CA VAL B 171 8.38 29.17 -9.45
C VAL B 171 8.21 27.65 -9.40
N HIS B 172 9.23 26.92 -9.83
CA HIS B 172 9.28 25.49 -9.66
C HIS B 172 10.57 25.14 -8.94
N THR B 173 10.46 24.44 -7.81
CA THR B 173 11.61 23.94 -7.08
C THR B 173 11.62 22.42 -7.19
N PHE B 174 12.69 21.87 -7.76
CA PHE B 174 12.66 20.46 -8.12
C PHE B 174 13.07 19.59 -6.94
N PRO B 175 12.52 18.37 -6.88
CA PRO B 175 13.05 17.37 -5.93
C PRO B 175 14.55 17.22 -6.11
N ALA B 176 15.24 17.01 -5.00
CA ALA B 176 16.67 16.77 -5.08
C ALA B 176 16.96 15.37 -5.65
N VAL B 177 18.09 15.26 -6.36
CA VAL B 177 18.61 13.97 -6.78
C VAL B 177 19.88 13.70 -5.98
N LEU B 178 20.14 12.42 -5.74
CA LEU B 178 21.36 11.98 -5.07
C LEU B 178 22.42 11.69 -6.14
N GLN B 179 23.56 12.38 -6.06
CA GLN B 179 24.58 12.19 -7.07
C GLN B 179 25.45 10.98 -6.75
N SER B 180 26.35 10.66 -7.67
CA SER B 180 27.26 9.53 -7.46
C SER B 180 28.18 9.74 -6.27
N SER B 181 28.42 11.00 -5.88
CA SER B 181 29.32 11.33 -4.79
C SER B 181 28.66 11.18 -3.41
N GLY B 182 27.40 10.79 -3.34
CA GLY B 182 26.69 10.79 -2.09
C GLY B 182 26.17 12.14 -1.64
N LEU B 183 26.35 13.17 -2.45
CA LEU B 183 25.86 14.52 -2.15
C LEU B 183 24.60 14.80 -2.97
N TYR B 184 23.73 15.63 -2.40
CA TYR B 184 22.47 15.98 -3.04
C TYR B 184 22.66 17.20 -3.94
N SER B 185 21.74 17.34 -4.90
CA SER B 185 21.74 18.48 -5.80
C SER B 185 20.31 18.72 -6.28
N LEU B 186 19.92 19.99 -6.37
CA LEU B 186 18.63 20.35 -6.93
C LEU B 186 18.75 21.69 -7.65
N SER B 187 17.65 22.09 -8.30
CA SER B 187 17.59 23.38 -8.95
C SER B 187 16.20 23.98 -8.78
N SER B 188 16.17 25.30 -8.67
CA SER B 188 14.95 26.08 -8.61
C SER B 188 14.95 27.06 -9.77
N VAL B 189 13.82 27.13 -10.49
CA VAL B 189 13.69 28.00 -11.65
C VAL B 189 12.44 28.84 -11.51
N VAL B 190 12.33 29.84 -12.41
CA VAL B 190 11.17 30.71 -12.44
C VAL B 190 11.06 31.33 -13.83
N THR B 191 9.85 31.32 -14.37
CA THR B 191 9.57 31.93 -15.67
C THR B 191 9.06 33.34 -15.45
N VAL B 192 9.67 34.30 -16.13
CA VAL B 192 9.32 35.72 -15.99
C VAL B 192 9.18 36.30 -17.40
N PRO B 193 8.43 37.39 -17.54
CA PRO B 193 8.42 38.09 -18.83
C PRO B 193 9.80 38.63 -19.14
N SER B 194 10.28 38.34 -20.36
CA SER B 194 11.59 38.83 -20.78
C SER B 194 11.64 40.36 -20.81
N SER B 195 10.48 41.03 -20.74
CA SER B 195 10.43 42.48 -20.64
C SER B 195 11.18 43.04 -19.43
N SER B 196 11.34 42.25 -18.36
CA SER B 196 11.79 42.75 -17.07
C SER B 196 13.20 42.27 -16.70
N LEU B 197 14.00 41.83 -17.66
CA LEU B 197 15.36 41.39 -17.37
C LEU B 197 16.31 42.56 -17.14
N GLY B 198 15.98 43.75 -17.64
CA GLY B 198 16.83 44.91 -17.45
C GLY B 198 16.49 45.72 -16.23
N THR B 199 15.24 45.60 -15.76
CA THR B 199 14.75 46.38 -14.63
C THR B 199 14.61 45.57 -13.35
N GLN B 200 13.95 44.41 -13.40
CA GLN B 200 13.66 43.67 -12.19
C GLN B 200 14.85 42.82 -11.75
N THR B 201 15.14 42.87 -10.45
CA THR B 201 16.21 42.09 -9.85
C THR B 201 15.69 40.75 -9.37
N TYR B 202 16.48 39.70 -9.60
CA TYR B 202 16.10 38.33 -9.26
C TYR B 202 17.16 37.72 -8.36
N ILE B 203 16.80 37.43 -7.11
CA ILE B 203 17.72 36.83 -6.14
C ILE B 203 17.06 35.59 -5.57
N CYS B 204 17.80 34.48 -5.54
CA CYS B 204 17.31 33.24 -4.94
C CYS B 204 17.91 33.07 -3.55
N ASN B 205 17.06 32.71 -2.58
CA ASN B 205 17.44 32.62 -1.17
C ASN B 205 17.43 31.14 -0.78
N VAL B 206 18.62 30.59 -0.53
CA VAL B 206 18.80 29.18 -0.24
C VAL B 206 19.17 29.04 1.22
N ASN B 207 18.48 28.13 1.92
CA ASN B 207 18.73 27.90 3.34
C ASN B 207 18.92 26.40 3.56
N HIS B 208 20.05 26.03 4.18
CA HIS B 208 20.38 24.65 4.54
C HIS B 208 20.59 24.62 6.04
N LYS B 209 19.52 24.36 6.78
CA LYS B 209 19.57 24.42 8.25
C LYS B 209 20.48 23.37 8.90
N PRO B 210 20.63 22.15 8.36
CA PRO B 210 21.59 21.21 8.98
C PRO B 210 23.00 21.76 9.10
N SER B 211 23.44 22.60 8.18
CA SER B 211 24.76 23.22 8.23
C SER B 211 24.73 24.69 8.62
N ASN B 212 23.54 25.24 8.88
CA ASN B 212 23.37 26.68 9.12
C ASN B 212 23.97 27.50 7.98
N THR B 213 23.53 27.18 6.76
CA THR B 213 24.01 27.82 5.55
C THR B 213 22.87 28.61 4.92
N LYS B 214 23.04 29.93 4.84
CA LYS B 214 22.11 30.81 4.14
C LYS B 214 22.88 31.51 3.03
N VAL B 215 22.37 31.39 1.80
CA VAL B 215 23.01 31.96 0.62
C VAL B 215 21.95 32.73 -0.16
N ASP B 216 22.29 33.97 -0.52
CA ASP B 216 21.49 34.77 -1.45
C ASP B 216 22.31 34.96 -2.72
N LYS B 217 21.77 34.51 -3.85
CA LYS B 217 22.47 34.55 -5.13
C LYS B 217 21.69 35.41 -6.11
N ARG B 218 22.31 36.48 -6.58
CA ARG B 218 21.71 37.34 -7.60
C ARG B 218 21.89 36.70 -8.97
N VAL B 219 20.79 36.54 -9.71
CA VAL B 219 20.80 35.94 -11.03
C VAL B 219 20.63 37.05 -12.05
N GLU B 220 21.68 37.32 -12.84
CA GLU B 220 21.72 38.37 -13.84
C GLU B 220 21.81 37.80 -15.25
N PRO B 221 21.26 38.50 -16.25
CA PRO B 221 21.47 38.07 -17.63
C PRO B 221 22.89 38.41 -18.09
N LYS B 222 23.41 37.57 -18.98
CA LYS B 222 24.70 37.86 -19.59
C LYS B 222 24.51 38.58 -20.92
N SER C 6 -41.70 -3.69 13.23
CA SER C 6 -40.72 -4.38 12.39
C SER C 6 -41.39 -5.03 11.18
N LEU C 7 -40.97 -6.26 10.89
CA LEU C 7 -41.44 -7.02 9.73
C LEU C 7 -42.05 -8.33 10.20
N ASP C 8 -43.23 -8.66 9.66
CA ASP C 8 -43.94 -9.85 10.13
C ASP C 8 -44.55 -10.67 8.99
N GLU C 9 -45.69 -11.30 9.28
CA GLU C 9 -46.30 -12.23 8.33
C GLU C 9 -46.89 -11.52 7.12
N LYS C 10 -47.37 -10.29 7.28
CA LYS C 10 -48.10 -9.61 6.22
C LYS C 10 -47.25 -8.60 5.45
N ASN C 11 -46.18 -8.08 6.05
CA ASN C 11 -45.35 -7.08 5.39
C ASN C 11 -44.04 -7.64 4.85
N SER C 12 -43.94 -8.95 4.69
CA SER C 12 -42.67 -9.56 4.30
C SER C 12 -42.93 -10.89 3.60
N VAL C 13 -41.85 -11.44 3.05
CA VAL C 13 -41.86 -12.77 2.42
C VAL C 13 -40.68 -13.56 2.98
N SER C 14 -40.94 -14.81 3.36
CA SER C 14 -39.92 -15.67 3.95
C SER C 14 -39.14 -16.39 2.86
N VAL C 15 -37.82 -16.38 2.99
CA VAL C 15 -36.91 -16.97 1.99
C VAL C 15 -36.01 -17.97 2.70
N ASP C 16 -36.03 -19.22 2.24
CA ASP C 16 -35.20 -20.27 2.81
C ASP C 16 -33.76 -20.13 2.33
N LEU C 17 -32.83 -20.12 3.28
CA LEU C 17 -31.40 -19.95 3.01
C LEU C 17 -30.63 -21.22 3.31
N PRO C 18 -29.41 -21.34 2.77
CA PRO C 18 -28.54 -22.46 3.17
C PRO C 18 -28.27 -22.42 4.67
N GLY C 19 -28.11 -23.61 5.25
CA GLY C 19 -27.93 -23.70 6.68
C GLY C 19 -29.21 -23.57 7.47
N GLU C 20 -30.35 -23.94 6.87
CA GLU C 20 -31.68 -23.92 7.49
C GLU C 20 -31.99 -22.59 8.19
N MET C 21 -31.36 -21.51 7.73
CA MET C 21 -31.73 -20.17 8.16
C MET C 21 -32.80 -19.61 7.23
N LYS C 22 -33.56 -18.65 7.72
CA LYS C 22 -34.56 -17.98 6.90
C LYS C 22 -34.49 -16.48 7.11
N VAL C 23 -34.83 -15.75 6.06
CA VAL C 23 -34.76 -14.29 6.04
C VAL C 23 -36.08 -13.74 5.49
N LEU C 24 -36.51 -12.61 6.04
CA LEU C 24 -37.70 -11.91 5.57
C LEU C 24 -37.27 -10.70 4.76
N VAL C 25 -37.99 -10.43 3.67
CA VAL C 25 -37.67 -9.36 2.75
C VAL C 25 -38.86 -8.41 2.66
N SER C 26 -38.57 -7.11 2.53
CA SER C 26 -39.61 -6.11 2.42
C SER C 26 -40.54 -6.41 1.25
N LYS C 27 -41.80 -6.00 1.40
CA LYS C 27 -42.81 -6.23 0.38
C LYS C 27 -42.47 -5.50 -0.91
N GLU C 28 -42.70 -4.19 -0.94
CA GLU C 28 -42.51 -3.40 -2.16
C GLU C 28 -41.14 -2.74 -2.19
N LYS C 29 -40.87 -1.83 -1.25
CA LYS C 29 -39.57 -1.17 -1.12
C LYS C 29 -39.57 -0.25 0.10
N ASN C 30 -38.39 0.02 0.63
CA ASN C 30 -38.30 0.75 1.89
C ASN C 30 -38.48 2.26 1.64
N LYS C 31 -38.16 3.03 2.68
CA LYS C 31 -38.44 4.47 2.64
C LYS C 31 -37.54 5.21 1.66
N ASP C 32 -36.29 4.78 1.54
CA ASP C 32 -35.24 5.47 0.78
C ASP C 32 -34.61 4.53 -0.26
N GLY C 33 -35.42 3.71 -0.93
CA GLY C 33 -34.96 3.01 -2.10
C GLY C 33 -34.86 1.49 -2.09
N LYS C 34 -34.43 0.90 -0.99
CA LYS C 34 -34.03 -0.50 -0.98
C LYS C 34 -35.11 -1.41 -0.37
N TYR C 35 -34.79 -2.68 -0.25
CA TYR C 35 -35.60 -3.65 0.49
C TYR C 35 -34.97 -3.89 1.86
N ASP C 36 -35.82 -4.19 2.84
CA ASP C 36 -35.36 -4.47 4.19
C ASP C 36 -35.30 -5.97 4.42
N LEU C 37 -34.29 -6.40 5.19
CA LEU C 37 -34.03 -7.81 5.45
C LEU C 37 -33.97 -8.05 6.95
N ILE C 38 -34.55 -9.17 7.38
CA ILE C 38 -34.59 -9.55 8.79
C ILE C 38 -34.32 -11.05 8.89
N ALA C 39 -33.37 -11.43 9.74
CA ALA C 39 -33.10 -12.84 10.01
C ALA C 39 -32.62 -12.97 11.45
N THR C 40 -33.19 -13.93 12.17
CA THR C 40 -32.85 -14.16 13.57
C THR C 40 -31.92 -15.36 13.66
N VAL C 41 -30.75 -15.16 14.27
CA VAL C 41 -29.72 -16.18 14.39
C VAL C 41 -29.35 -16.29 15.87
N ASP C 42 -29.69 -17.42 16.48
CA ASP C 42 -29.30 -17.74 17.87
C ASP C 42 -29.70 -16.60 18.83
N LYS C 43 -31.02 -16.50 19.06
CA LYS C 43 -31.59 -15.57 20.02
C LYS C 43 -31.50 -14.11 19.54
N LEU C 44 -30.64 -13.85 18.56
CA LEU C 44 -30.33 -12.49 18.14
C LEU C 44 -30.88 -12.24 16.74
N GLU C 45 -31.70 -11.21 16.60
CA GLU C 45 -32.23 -10.83 15.29
C GLU C 45 -31.29 -9.84 14.62
N LEU C 46 -31.06 -10.03 13.33
CA LEU C 46 -30.13 -9.23 12.58
C LEU C 46 -30.90 -8.42 11.54
N LYS C 47 -30.50 -7.16 11.38
CA LYS C 47 -31.17 -6.25 10.45
C LYS C 47 -30.21 -5.90 9.32
N GLY C 48 -30.74 -5.79 8.11
CA GLY C 48 -29.93 -5.45 6.97
C GLY C 48 -30.76 -4.86 5.87
N THR C 49 -30.16 -3.96 5.11
CA THR C 49 -30.79 -3.35 3.96
C THR C 49 -30.03 -3.73 2.70
N SER C 50 -30.77 -3.84 1.59
CA SER C 50 -30.21 -4.25 0.32
C SER C 50 -31.21 -4.02 -0.79
N ASP C 51 -30.72 -4.03 -2.03
CA ASP C 51 -31.59 -4.02 -3.19
C ASP C 51 -32.09 -5.43 -3.47
N LYS C 52 -32.33 -5.74 -4.74
CA LYS C 52 -32.41 -7.11 -5.24
C LYS C 52 -33.62 -7.92 -4.80
N ASN C 53 -34.19 -7.63 -3.61
CA ASN C 53 -35.37 -8.32 -3.08
C ASN C 53 -35.23 -9.84 -3.10
N ASN C 54 -33.99 -10.33 -3.16
CA ASN C 54 -33.73 -11.74 -3.39
C ASN C 54 -33.73 -12.55 -2.11
N GLY C 55 -33.45 -11.92 -0.98
CA GLY C 55 -32.91 -12.57 0.18
C GLY C 55 -31.42 -12.36 0.33
N SER C 56 -30.74 -12.01 -0.75
CA SER C 56 -29.30 -11.73 -0.71
C SER C 56 -29.04 -10.37 -0.08
N GLY C 57 -27.83 -10.22 0.45
CA GLY C 57 -27.41 -8.99 1.07
C GLY C 57 -26.69 -9.28 2.37
N VAL C 58 -26.47 -8.21 3.15
CA VAL C 58 -25.71 -8.30 4.39
C VAL C 58 -26.61 -7.85 5.53
N LEU C 59 -26.58 -8.61 6.63
CA LEU C 59 -27.31 -8.27 7.84
C LEU C 59 -26.33 -8.28 9.01
N GLU C 60 -26.49 -7.33 9.92
CA GLU C 60 -25.60 -7.16 11.06
C GLU C 60 -26.40 -7.15 12.35
N GLY C 61 -25.69 -7.28 13.47
CA GLY C 61 -26.31 -7.23 14.78
C GLY C 61 -25.24 -7.29 15.85
N VAL C 62 -25.65 -6.96 17.08
CA VAL C 62 -24.76 -6.93 18.23
C VAL C 62 -25.34 -7.79 19.33
N LYS C 63 -24.49 -8.57 20.00
CA LYS C 63 -24.92 -9.41 21.10
C LYS C 63 -24.90 -8.65 22.42
N ALA C 64 -25.43 -9.29 23.47
CA ALA C 64 -25.45 -8.67 24.78
C ALA C 64 -24.04 -8.41 25.31
N ASP C 65 -23.08 -9.27 24.94
CA ASP C 65 -21.69 -9.11 25.34
C ASP C 65 -20.90 -8.20 24.38
N LYS C 66 -21.59 -7.36 23.62
CA LYS C 66 -21.02 -6.37 22.71
C LYS C 66 -20.32 -6.98 21.50
N SER C 67 -20.40 -8.29 21.31
CA SER C 67 -19.86 -8.92 20.11
C SER C 67 -20.73 -8.60 18.90
N LYS C 68 -20.09 -8.42 17.75
CA LYS C 68 -20.77 -8.06 16.51
C LYS C 68 -20.96 -9.29 15.63
N VAL C 69 -22.11 -9.37 14.98
CA VAL C 69 -22.46 -10.48 14.10
C VAL C 69 -22.76 -9.93 12.71
N LYS C 70 -22.31 -10.63 11.69
CA LYS C 70 -22.54 -10.22 10.30
C LYS C 70 -22.90 -11.44 9.47
N LEU C 71 -23.96 -11.32 8.69
CA LEU C 71 -24.48 -12.43 7.90
C LEU C 71 -24.63 -11.97 6.47
N THR C 72 -23.82 -12.52 5.56
CA THR C 72 -23.90 -12.20 4.15
C THR C 72 -24.45 -13.39 3.38
N ILE C 73 -25.33 -13.10 2.42
CA ILE C 73 -26.02 -14.11 1.64
C ILE C 73 -25.68 -13.88 0.17
N SER C 74 -25.09 -14.90 -0.46
CA SER C 74 -24.66 -14.79 -1.85
C SER C 74 -25.83 -14.42 -2.76
N ASP C 75 -25.49 -13.95 -3.96
CA ASP C 75 -26.51 -13.43 -4.87
C ASP C 75 -27.42 -14.53 -5.38
N ASP C 76 -26.85 -15.68 -5.72
CA ASP C 76 -27.66 -16.82 -6.12
C ASP C 76 -28.26 -17.56 -4.93
N LEU C 77 -28.02 -17.07 -3.71
CA LEU C 77 -28.58 -17.63 -2.47
C LEU C 77 -28.10 -19.04 -2.19
N GLY C 78 -26.97 -19.43 -2.78
CA GLY C 78 -26.41 -20.75 -2.57
C GLY C 78 -25.31 -20.83 -1.54
N GLN C 79 -24.98 -19.71 -0.89
CA GLN C 79 -23.91 -19.69 0.10
C GLN C 79 -24.25 -18.67 1.18
N THR C 80 -23.78 -18.95 2.39
CA THR C 80 -24.07 -18.14 3.56
C THR C 80 -22.80 -18.00 4.39
N THR C 81 -22.48 -16.79 4.83
CA THR C 81 -21.30 -16.52 5.64
C THR C 81 -21.72 -15.83 6.92
N LEU C 82 -21.38 -16.44 8.06
CA LEU C 82 -21.69 -15.88 9.38
C LEU C 82 -20.36 -15.59 10.09
N GLU C 83 -20.08 -14.32 10.31
CA GLU C 83 -18.87 -13.90 11.02
C GLU C 83 -19.25 -13.30 12.37
N VAL C 84 -18.49 -13.67 13.41
CA VAL C 84 -18.62 -13.09 14.74
C VAL C 84 -17.33 -12.34 15.06
N PHE C 85 -17.46 -11.06 15.37
CA PHE C 85 -16.32 -10.20 15.69
C PHE C 85 -16.31 -9.87 17.17
N LYS C 86 -15.16 -9.41 17.65
CA LYS C 86 -15.06 -8.89 19.02
C LYS C 86 -15.71 -7.50 19.05
N GLU C 87 -15.54 -6.81 20.18
CA GLU C 87 -16.17 -5.50 20.34
C GLU C 87 -15.63 -4.48 19.34
N ASP C 88 -14.36 -4.61 18.94
CA ASP C 88 -13.78 -3.67 17.99
C ASP C 88 -14.33 -3.83 16.57
N GLY C 89 -15.16 -4.86 16.33
CA GLY C 89 -15.67 -5.10 15.00
C GLY C 89 -14.62 -5.50 13.99
N LYS C 90 -13.42 -5.85 14.43
CA LYS C 90 -12.33 -6.11 13.51
C LYS C 90 -11.60 -7.41 13.85
N THR C 91 -11.63 -7.79 15.12
CA THR C 91 -11.02 -9.04 15.55
C THR C 91 -11.99 -10.18 15.31
N LEU C 92 -11.61 -11.12 14.45
CA LEU C 92 -12.48 -12.21 14.06
C LEU C 92 -12.50 -13.29 15.13
N VAL C 93 -13.69 -13.60 15.64
CA VAL C 93 -13.83 -14.68 16.61
C VAL C 93 -14.17 -16.00 15.92
N SER C 94 -15.05 -15.96 14.92
CA SER C 94 -15.45 -17.17 14.21
C SER C 94 -15.99 -16.78 12.84
N LYS C 95 -15.87 -17.71 11.89
CA LYS C 95 -16.36 -17.49 10.54
C LYS C 95 -16.84 -18.82 9.98
N LYS C 96 -18.12 -18.90 9.67
CA LYS C 96 -18.75 -20.13 9.19
C LYS C 96 -19.35 -19.90 7.81
N VAL C 97 -19.05 -20.81 6.89
CA VAL C 97 -19.56 -20.72 5.53
C VAL C 97 -20.37 -21.97 5.26
N THR C 98 -21.69 -21.82 5.16
CA THR C 98 -22.59 -22.93 4.85
C THR C 98 -22.98 -22.87 3.38
N SER C 99 -22.93 -24.03 2.71
CA SER C 99 -23.29 -24.14 1.31
C SER C 99 -24.69 -24.70 1.16
N LYS C 100 -25.25 -24.53 -0.04
CA LYS C 100 -26.62 -24.99 -0.30
C LYS C 100 -26.74 -26.51 -0.10
N ASP C 101 -25.68 -27.25 -0.37
CA ASP C 101 -25.71 -28.70 -0.24
C ASP C 101 -25.55 -29.14 1.21
N LYS C 102 -25.85 -28.25 2.16
CA LYS C 102 -25.83 -28.47 3.60
C LYS C 102 -24.42 -28.65 4.18
N SER C 103 -23.37 -28.63 3.37
CA SER C 103 -22.01 -28.71 3.88
C SER C 103 -21.53 -27.35 4.35
N SER C 104 -20.55 -27.35 5.26
CA SER C 104 -20.08 -26.11 5.84
C SER C 104 -18.67 -26.26 6.39
N THR C 105 -17.98 -25.13 6.53
CA THR C 105 -16.70 -25.02 7.22
C THR C 105 -16.81 -23.91 8.26
N GLU C 106 -16.33 -24.16 9.47
CA GLU C 106 -16.34 -23.17 10.52
C GLU C 106 -14.95 -23.02 11.11
N GLU C 107 -14.45 -21.80 11.12
CA GLU C 107 -13.14 -21.50 11.69
C GLU C 107 -13.33 -20.70 12.97
N LYS C 108 -12.59 -21.07 14.02
CA LYS C 108 -12.52 -20.33 15.26
C LYS C 108 -11.09 -19.85 15.44
N PHE C 109 -10.91 -18.56 15.70
CA PHE C 109 -9.59 -17.96 15.76
C PHE C 109 -9.20 -17.70 17.21
N ASN C 110 -7.90 -17.84 17.49
CA ASN C 110 -7.40 -17.54 18.82
C ASN C 110 -7.13 -16.05 18.96
N GLU C 111 -6.62 -15.65 20.12
CA GLU C 111 -6.38 -14.24 20.37
C GLU C 111 -5.32 -13.63 19.45
N LYS C 112 -4.61 -14.45 18.67
CA LYS C 112 -3.59 -13.98 17.74
C LYS C 112 -4.11 -13.86 16.30
N GLY C 113 -5.33 -14.31 16.03
CA GLY C 113 -5.83 -14.32 14.68
C GLY C 113 -5.44 -15.53 13.86
N GLU C 114 -5.10 -16.63 14.51
CA GLU C 114 -4.79 -17.91 13.86
C GLU C 114 -5.96 -18.86 14.05
N VAL C 115 -6.24 -19.68 13.03
CA VAL C 115 -7.25 -20.73 13.17
C VAL C 115 -6.75 -21.74 14.20
N SER C 116 -7.39 -21.77 15.38
CA SER C 116 -7.06 -22.75 16.41
C SER C 116 -8.04 -23.92 16.47
N GLU C 117 -9.26 -23.74 15.96
CA GLU C 117 -10.24 -24.82 15.84
C GLU C 117 -10.91 -24.71 14.49
N LYS C 118 -11.27 -25.86 13.92
CA LYS C 118 -11.81 -25.89 12.57
C LYS C 118 -12.76 -27.07 12.45
N ILE C 119 -14.03 -26.78 12.16
CA ILE C 119 -15.06 -27.80 12.05
C ILE C 119 -15.51 -27.88 10.60
N ILE C 120 -15.44 -29.08 10.03
CA ILE C 120 -15.84 -29.33 8.66
C ILE C 120 -17.04 -30.26 8.69
N THR C 121 -18.18 -29.76 8.21
CA THR C 121 -19.41 -30.53 8.18
C THR C 121 -19.69 -30.99 6.75
N ARG C 122 -19.85 -32.31 6.57
CA ARG C 122 -20.19 -32.84 5.26
C ARG C 122 -21.70 -32.73 5.04
N ALA C 123 -22.11 -33.01 3.81
CA ALA C 123 -23.53 -32.90 3.47
C ALA C 123 -24.38 -33.91 4.23
N ASP C 124 -23.81 -35.07 4.57
CA ASP C 124 -24.57 -36.09 5.30
C ASP C 124 -24.79 -35.73 6.76
N GLY C 125 -24.07 -34.74 7.29
CA GLY C 125 -24.17 -34.34 8.67
C GLY C 125 -23.00 -34.73 9.53
N THR C 126 -22.17 -35.67 9.08
CA THR C 126 -20.97 -36.02 9.82
C THR C 126 -20.00 -34.85 9.85
N ARG C 127 -19.28 -34.71 10.96
CA ARG C 127 -18.39 -33.59 11.17
C ARG C 127 -16.96 -34.07 11.37
N LEU C 128 -16.02 -33.25 10.93
CA LEU C 128 -14.59 -33.43 11.16
C LEU C 128 -14.11 -32.25 11.98
N GLU C 129 -13.72 -32.49 13.22
CA GLU C 129 -13.39 -31.43 14.16
C GLU C 129 -11.90 -31.44 14.47
N TYR C 130 -11.26 -30.27 14.37
CA TYR C 130 -9.85 -30.09 14.65
C TYR C 130 -9.70 -29.07 15.78
N THR C 131 -9.04 -29.47 16.86
CA THR C 131 -8.82 -28.61 18.01
C THR C 131 -7.33 -28.49 18.30
N GLY C 132 -6.97 -27.41 18.98
CA GLY C 132 -5.58 -27.18 19.35
C GLY C 132 -4.65 -27.09 18.16
N ILE C 133 -5.10 -26.47 17.07
CA ILE C 133 -4.25 -26.33 15.89
C ILE C 133 -3.09 -25.40 16.21
N LYS C 134 -1.89 -25.80 15.79
CA LYS C 134 -0.67 -25.04 16.00
C LYS C 134 -0.18 -24.47 14.68
N SER C 135 0.79 -23.55 14.78
CA SER C 135 1.40 -23.00 13.58
C SER C 135 2.15 -24.07 12.78
N ASP C 136 2.58 -25.15 13.44
CA ASP C 136 3.14 -26.30 12.74
C ASP C 136 2.24 -26.77 11.61
N GLY C 137 0.93 -26.75 11.86
CA GLY C 137 -0.01 -27.44 11.01
C GLY C 137 -0.54 -28.72 11.61
N SER C 138 -0.30 -28.95 12.89
CA SER C 138 -0.74 -30.16 13.60
C SER C 138 -1.79 -29.80 14.64
N GLY C 139 -2.37 -30.84 15.22
CA GLY C 139 -3.40 -30.66 16.23
C GLY C 139 -4.13 -31.97 16.47
N LYS C 140 -5.25 -31.85 17.18
CA LYS C 140 -6.09 -32.99 17.47
C LYS C 140 -7.14 -33.15 16.38
N ALA C 141 -7.51 -34.40 16.11
CA ALA C 141 -8.49 -34.72 15.08
C ALA C 141 -9.58 -35.59 15.67
N LYS C 142 -10.83 -35.28 15.34
CA LYS C 142 -11.98 -36.01 15.85
C LYS C 142 -13.06 -36.04 14.78
N GLU C 143 -13.46 -37.25 14.36
CA GLU C 143 -14.52 -37.42 13.37
C GLU C 143 -15.82 -37.78 14.09
N VAL C 144 -16.85 -36.98 13.86
CA VAL C 144 -18.16 -37.22 14.46
C VAL C 144 -19.02 -37.95 13.44
N LEU C 145 -19.49 -39.14 13.81
CA LEU C 145 -20.22 -40.01 12.90
C LEU C 145 -21.63 -40.28 13.40
N LYS C 146 -22.39 -41.02 12.59
CA LYS C 146 -23.77 -41.37 12.90
C LYS C 146 -23.74 -42.50 13.92
N GLY C 147 -23.57 -42.12 15.19
CA GLY C 147 -23.59 -43.10 16.26
C GLY C 147 -22.41 -43.02 17.20
N TYR C 148 -21.20 -42.89 16.67
CA TYR C 148 -20.00 -42.97 17.48
C TYR C 148 -19.05 -41.81 17.14
N VAL C 149 -17.98 -41.70 17.94
CA VAL C 149 -16.95 -40.69 17.75
C VAL C 149 -15.60 -41.40 17.66
N LEU C 150 -14.78 -40.95 16.72
CA LEU C 150 -13.40 -41.40 16.60
C LEU C 150 -12.48 -40.25 16.94
N GLU C 151 -11.35 -40.57 17.60
CA GLU C 151 -10.39 -39.57 18.03
C GLU C 151 -8.99 -39.92 17.53
N GLY C 152 -8.25 -38.90 17.15
CA GLY C 152 -6.96 -39.08 16.55
C GLY C 152 -6.16 -37.79 16.51
N THR C 153 -5.18 -37.76 15.60
CA THR C 153 -4.26 -36.64 15.49
C THR C 153 -4.28 -36.04 14.08
N LEU C 154 -3.92 -34.77 13.99
CA LEU C 154 -3.84 -34.03 12.74
C LEU C 154 -2.40 -33.64 12.47
N THR C 155 -1.97 -33.83 11.22
CA THR C 155 -0.70 -33.33 10.74
C THR C 155 -0.92 -32.56 9.44
N ALA C 156 0.00 -31.62 9.16
CA ALA C 156 -0.10 -30.85 7.92
C ALA C 156 -0.11 -31.74 6.69
N GLU C 157 0.27 -33.01 6.84
CA GLU C 157 0.31 -33.95 5.72
C GLU C 157 -1.04 -34.67 5.61
N LYS C 158 -1.32 -35.61 6.51
CA LYS C 158 -2.58 -36.36 6.50
C LYS C 158 -3.35 -36.14 7.81
N THR C 159 -4.46 -36.86 7.94
CA THR C 159 -5.26 -36.93 9.17
C THR C 159 -5.40 -38.40 9.56
N THR C 160 -4.96 -38.75 10.77
CA THR C 160 -4.98 -40.13 11.23
C THR C 160 -5.91 -40.26 12.43
N LEU C 161 -6.81 -41.23 12.35
CA LEU C 161 -7.80 -41.54 13.36
C LEU C 161 -7.58 -43.00 13.75
N VAL C 162 -7.64 -43.31 15.04
CA VAL C 162 -7.28 -44.66 15.49
C VAL C 162 -8.16 -45.09 16.65
N VAL C 163 -8.42 -46.39 16.72
CA VAL C 163 -9.18 -47.02 17.80
C VAL C 163 -8.34 -48.14 18.40
N LYS C 164 -8.27 -48.18 19.73
CA LYS C 164 -7.44 -49.19 20.41
C LYS C 164 -8.28 -50.04 21.36
N GLY C 166 -6.37 -55.07 22.76
CA GLY C 166 -5.00 -55.56 22.73
C GLY C 166 -4.13 -54.78 21.76
N THR C 167 -3.04 -55.41 21.30
CA THR C 167 -2.14 -54.78 20.35
C THR C 167 -2.77 -54.57 18.98
N VAL C 168 -4.02 -54.99 18.79
CA VAL C 168 -4.73 -54.82 17.54
C VAL C 168 -5.28 -53.41 17.46
N THR C 169 -4.48 -52.49 16.91
CA THR C 169 -4.82 -51.06 16.89
C THR C 169 -4.47 -50.50 15.51
N LEU C 170 -5.47 -50.38 14.65
CA LEU C 170 -5.26 -49.94 13.27
C LEU C 170 -5.92 -48.59 13.05
N SER C 171 -5.46 -47.89 12.02
CA SER C 171 -5.66 -46.46 11.86
C SER C 171 -6.60 -46.16 10.69
N LYS C 172 -6.90 -44.86 10.54
CA LYS C 172 -7.77 -44.35 9.48
C LYS C 172 -7.18 -43.04 8.99
N ASN C 173 -6.94 -42.93 7.69
CA ASN C 173 -6.14 -41.84 7.13
C ASN C 173 -6.94 -41.04 6.12
N ILE C 174 -6.96 -39.71 6.30
CA ILE C 174 -7.55 -38.76 5.37
C ILE C 174 -6.55 -37.63 5.15
N SER C 175 -6.24 -37.33 3.89
CA SER C 175 -5.12 -36.44 3.59
C SER C 175 -5.64 -35.03 3.32
N LYS C 176 -4.77 -34.22 2.69
CA LYS C 176 -5.15 -32.90 2.20
C LYS C 176 -6.35 -32.97 1.26
N SER C 177 -6.33 -33.91 0.32
CA SER C 177 -7.44 -34.07 -0.62
C SER C 177 -8.43 -35.08 -0.04
N GLY C 178 -9.28 -35.65 -0.88
CA GLY C 178 -10.30 -36.55 -0.39
C GLY C 178 -9.88 -38.01 -0.32
N GLU C 179 -8.58 -38.31 -0.22
CA GLU C 179 -8.17 -39.71 -0.07
C GLU C 179 -8.67 -40.24 1.27
N VAL C 180 -8.87 -41.54 1.30
CA VAL C 180 -9.19 -42.28 2.51
C VAL C 180 -8.51 -43.64 2.37
N SER C 181 -7.41 -43.84 3.07
CA SER C 181 -6.73 -45.11 3.09
C SER C 181 -6.83 -45.71 4.48
N VAL C 182 -6.78 -47.04 4.53
CA VAL C 182 -6.81 -47.78 5.78
C VAL C 182 -5.60 -48.69 5.83
N GLU C 183 -4.81 -48.55 6.90
CA GLU C 183 -3.77 -49.51 7.19
C GLU C 183 -4.17 -50.31 8.43
N PHE C 220 -14.23 -48.50 1.77
CA PHE C 220 -15.01 -47.86 2.81
C PHE C 220 -16.20 -47.08 2.24
N THR C 221 -17.19 -46.86 3.09
CA THR C 221 -18.48 -46.32 2.68
C THR C 221 -18.34 -44.89 2.16
N LYS C 222 -19.26 -44.51 1.26
CA LYS C 222 -19.32 -43.13 0.78
C LYS C 222 -20.26 -42.26 1.62
N GLU C 223 -21.29 -42.83 2.22
CA GLU C 223 -22.04 -42.15 3.27
C GLU C 223 -21.34 -42.25 4.62
N ASN C 224 -20.02 -42.48 4.61
CA ASN C 224 -19.12 -42.36 5.75
C ASN C 224 -19.54 -43.29 6.90
N THR C 225 -19.27 -44.58 6.68
CA THR C 225 -19.37 -45.62 7.70
C THR C 225 -18.88 -46.96 7.14
N GLU C 244 -21.01 -54.05 6.94
CA GLU C 244 -21.11 -52.67 7.39
C GLU C 244 -20.48 -52.51 8.77
N ILE C 245 -20.30 -51.26 9.19
CA ILE C 245 -19.90 -51.00 10.57
C ILE C 245 -21.03 -50.27 11.28
N THR C 246 -21.01 -50.30 12.61
CA THR C 246 -22.16 -49.90 13.40
C THR C 246 -21.80 -48.80 14.41
N LYS C 247 -21.40 -49.16 15.63
CA LYS C 247 -21.14 -48.17 16.66
C LYS C 247 -19.80 -48.42 17.37
N LEU C 248 -19.53 -47.62 18.43
CA LEU C 248 -18.15 -47.38 18.88
C LEU C 248 -17.47 -48.65 19.39
N ASP C 249 -18.08 -49.33 20.37
CA ASP C 249 -17.45 -50.50 20.94
C ASP C 249 -17.15 -51.53 19.89
N GLU C 250 -17.97 -51.60 18.84
CA GLU C 250 -17.94 -52.70 17.89
C GLU C 250 -16.79 -52.58 16.89
N ILE C 251 -15.94 -51.56 17.02
CA ILE C 251 -14.82 -51.40 16.09
C ILE C 251 -13.65 -52.31 16.47
N LYS C 252 -13.47 -52.57 17.77
CA LYS C 252 -12.27 -53.25 18.27
C LYS C 252 -12.11 -54.69 17.75
N ASN C 253 -13.16 -55.30 17.22
CA ASN C 253 -13.17 -56.73 16.92
C ASN C 253 -12.36 -57.08 15.69
N ALA C 254 -12.83 -56.66 14.52
CA ALA C 254 -12.37 -57.20 13.24
C ALA C 254 -10.87 -57.06 13.01
O1 2PE D . 5.49 8.00 -11.37
C2 2PE D . 4.19 8.33 -11.77
C3 2PE D . 3.45 7.07 -12.23
O4 2PE D . 3.05 6.31 -11.13
C5 2PE D . 2.63 5.01 -11.49
C6 2PE D . 2.11 4.27 -10.25
O7 2PE D . 3.11 4.17 -9.29
C8 2PE D . 2.71 3.45 -8.16
C9 2PE D . 3.65 3.72 -6.98
O10 2PE D . 4.36 4.90 -7.23
C11 2PE D . 5.06 5.37 -6.11
C12 2PE D . 4.41 6.69 -5.68
O13 2PE D . 5.37 7.67 -5.42
C14 2PE D . 4.82 8.81 -4.82
C1 EDO E . 4.35 25.46 -21.49
O1 EDO E . 3.08 24.81 -21.48
C2 EDO E . 4.25 26.86 -20.86
O2 EDO E . 5.53 27.21 -20.30
CL CL F . 19.06 11.29 -33.88
CL CL G . 0.56 18.12 -31.91
CL CL H . 17.88 19.14 -10.64
CL CL I . -9.50 -6.85 22.03
#